data_2WKD
# 
_entry.id   2WKD 
# 
_audit_conform.dict_name       mmcif_pdbx.dic 
_audit_conform.dict_version    5.397 
_audit_conform.dict_location   http://mmcif.pdb.org/dictionaries/ascii/mmcif_pdbx.dic 
# 
loop_
_database_2.database_id 
_database_2.database_code 
_database_2.pdbx_database_accession 
_database_2.pdbx_DOI 
PDB   2WKD         pdb_00002wkd 10.2210/pdb2wkd/pdb 
PDBE  EBI-40092    ?            ?                   
WWPDB D_1290040092 ?            ?                   
# 
loop_
_pdbx_audit_revision_history.ordinal 
_pdbx_audit_revision_history.data_content_type 
_pdbx_audit_revision_history.major_revision 
_pdbx_audit_revision_history.minor_revision 
_pdbx_audit_revision_history.revision_date 
1 'Structure model' 1 0 2009-09-15 
2 'Structure model' 1 1 2011-07-13 
3 'Structure model' 1 2 2019-05-29 
4 'Structure model' 1 3 2024-10-23 
# 
_pdbx_audit_revision_details.ordinal             1 
_pdbx_audit_revision_details.revision_ordinal    1 
_pdbx_audit_revision_details.data_content_type   'Structure model' 
_pdbx_audit_revision_details.provider            repository 
_pdbx_audit_revision_details.type                'Initial release' 
_pdbx_audit_revision_details.description         ? 
_pdbx_audit_revision_details.details             ? 
# 
loop_
_pdbx_audit_revision_group.ordinal 
_pdbx_audit_revision_group.revision_ordinal 
_pdbx_audit_revision_group.data_content_type 
_pdbx_audit_revision_group.group 
1  2 'Structure model' Advisory                    
2  2 'Structure model' 'Refinement description'    
3  2 'Structure model' 'Version format compliance' 
4  3 'Structure model' 'Data collection'           
5  3 'Structure model' 'Derived calculations'      
6  3 'Structure model' 'Experimental preparation'  
7  3 'Structure model' Other                       
8  4 'Structure model' 'Data collection'           
9  4 'Structure model' 'Database references'       
10 4 'Structure model' Other                       
11 4 'Structure model' 'Structure summary'         
# 
loop_
_pdbx_audit_revision_category.ordinal 
_pdbx_audit_revision_category.revision_ordinal 
_pdbx_audit_revision_category.data_content_type 
_pdbx_audit_revision_category.category 
1  3 'Structure model' exptl_crystal_grow        
2  3 'Structure model' pdbx_database_proc        
3  3 'Structure model' pdbx_database_status      
4  3 'Structure model' struct_biol               
5  3 'Structure model' struct_conn               
6  4 'Structure model' chem_comp_atom            
7  4 'Structure model' chem_comp_bond            
8  4 'Structure model' database_2                
9  4 'Structure model' pdbx_database_status      
10 4 'Structure model' pdbx_entry_details        
11 4 'Structure model' pdbx_modification_feature 
# 
loop_
_pdbx_audit_revision_item.ordinal 
_pdbx_audit_revision_item.revision_ordinal 
_pdbx_audit_revision_item.data_content_type 
_pdbx_audit_revision_item.item 
1 3 'Structure model' '_exptl_crystal_grow.method'                   
2 3 'Structure model' '_pdbx_database_status.recvd_author_approval'  
3 3 'Structure model' '_struct_conn.pdbx_leaving_atom_flag'          
4 4 'Structure model' '_database_2.pdbx_DOI'                         
5 4 'Structure model' '_database_2.pdbx_database_accession'          
6 4 'Structure model' '_pdbx_database_status.status_code_sf'         
7 4 'Structure model' '_pdbx_entry_details.has_protein_modification' 
# 
_pdbx_database_status.status_code                     REL 
_pdbx_database_status.entry_id                        2WKD 
_pdbx_database_status.deposit_site                    PDBE 
_pdbx_database_status.process_site                    PDBE 
_pdbx_database_status.SG_entry                        . 
_pdbx_database_status.recvd_initial_deposition_date   2009-06-09 
_pdbx_database_status.pdb_format_compatible           Y 
_pdbx_database_status.status_code_sf                  REL 
_pdbx_database_status.status_code_mr                  ? 
_pdbx_database_status.status_code_cs                  ? 
_pdbx_database_status.methods_development_category    ? 
_pdbx_database_status.status_code_nmr_data            ? 
# 
_pdbx_database_related.db_name        PDB 
_pdbx_database_related.db_id          2WKC 
_pdbx_database_related.content_type   unspecified 
_pdbx_database_related.details        'CRYSTAL STRUCTURE FROM A SINGLE-STRANDED DNA BINDING PROTEIN FROM THE LACTOCOCCAL PHAGE P2' 
# 
loop_
_audit_author.name 
_audit_author.pdbx_ordinal 
'Scaltriti, E.'       1 
'Cambillau, C.'       2 
'Ortiz-Lombardia, M.' 3 
# 
_citation.id                        primary 
_citation.title                     
'Structure and Function of Phage P2 Orf34(P2), a New Type of Single-Stranded DNA Binding Protein.' 
_citation.journal_abbrev            Mol.Microbiol. 
_citation.journal_volume            73 
_citation.page_first                1156 
_citation.page_last                 ? 
_citation.year                      2009 
_citation.journal_id_ASTM           MOMIEE 
_citation.country                   UK 
_citation.journal_id_ISSN           0950-382X 
_citation.journal_id_CSD            2007 
_citation.book_publisher            ? 
_citation.pdbx_database_id_PubMed   19719513 
_citation.pdbx_database_id_DOI      10.1111/J.1365-2958.2009.06844.X 
# 
loop_
_citation_author.citation_id 
_citation_author.name 
_citation_author.ordinal 
_citation_author.identifier_ORCID 
primary 'Scaltriti, E.'       1  ? 
primary 'Tegoni, M.'          2  ? 
primary 'Rivetti, C.'         3  ? 
primary 'Launay, H.'          4  ? 
primary 'Masson, J.Y.'        5  ? 
primary 'Magadan, A.H.'       6  ? 
primary 'Tremblay, D.'        7  ? 
primary 'Moineau, S.'         8  ? 
primary 'Ramoni, R.'          9  ? 
primary 'Lichiere, J.'        10 ? 
primary 'Campanacci, V.'      11 ? 
primary 'Cambillau, C.'       12 ? 
primary 'Ortiz-Lombardia, M.' 13 ? 
# 
loop_
_entity.id 
_entity.type 
_entity.src_method 
_entity.pdbx_description 
_entity.formula_weight 
_entity.pdbx_number_of_molecules 
_entity.pdbx_ec 
_entity.pdbx_mutation 
_entity.pdbx_fragment 
_entity.details 
1 polymer man ORF34P2 13067.198 1  ? YES 'RESIDUES 15-131' ? 
2 water   nat water   18.015    26 ? ?   ?                 ? 
# 
_entity_poly.entity_id                      1 
_entity_poly.type                           'polypeptide(L)' 
_entity_poly.nstd_linkage                   no 
_entity_poly.nstd_monomer                   yes 
_entity_poly.pdbx_seq_one_letter_code       
;GTIITVTAQANEKNTRTVSTAKGDKKIISVPLFEKEKGSNVKVAYGSAF(MSE)PDFIQ(MSE)GDTVTVSGRVQAKESG
EYVNYNFVFPTVEKVFITNDNSSQSQAKQDLFGGSEPIEVNSEDLPF
;
_entity_poly.pdbx_seq_one_letter_code_can   
;GTIITVTAQANEKNTRTVSTAKGDKKIISVPLFEKEKGSNVKVAYGSAFMPDFIQMGDTVTVSGRVQAKESGEYVNYNFV
FPTVEKVFITNDNSSQSQAKQDLFGGSEPIEVNSEDLPF
;
_entity_poly.pdbx_strand_id                 A 
_entity_poly.pdbx_target_identifier         ? 
# 
_pdbx_entity_nonpoly.entity_id   2 
_pdbx_entity_nonpoly.name        water 
_pdbx_entity_nonpoly.comp_id     HOH 
# 
loop_
_entity_poly_seq.entity_id 
_entity_poly_seq.num 
_entity_poly_seq.mon_id 
_entity_poly_seq.hetero 
1 1   GLY n 
1 2   THR n 
1 3   ILE n 
1 4   ILE n 
1 5   THR n 
1 6   VAL n 
1 7   THR n 
1 8   ALA n 
1 9   GLN n 
1 10  ALA n 
1 11  ASN n 
1 12  GLU n 
1 13  LYS n 
1 14  ASN n 
1 15  THR n 
1 16  ARG n 
1 17  THR n 
1 18  VAL n 
1 19  SER n 
1 20  THR n 
1 21  ALA n 
1 22  LYS n 
1 23  GLY n 
1 24  ASP n 
1 25  LYS n 
1 26  LYS n 
1 27  ILE n 
1 28  ILE n 
1 29  SER n 
1 30  VAL n 
1 31  PRO n 
1 32  LEU n 
1 33  PHE n 
1 34  GLU n 
1 35  LYS n 
1 36  GLU n 
1 37  LYS n 
1 38  GLY n 
1 39  SER n 
1 40  ASN n 
1 41  VAL n 
1 42  LYS n 
1 43  VAL n 
1 44  ALA n 
1 45  TYR n 
1 46  GLY n 
1 47  SER n 
1 48  ALA n 
1 49  PHE n 
1 50  MSE n 
1 51  PRO n 
1 52  ASP n 
1 53  PHE n 
1 54  ILE n 
1 55  GLN n 
1 56  MSE n 
1 57  GLY n 
1 58  ASP n 
1 59  THR n 
1 60  VAL n 
1 61  THR n 
1 62  VAL n 
1 63  SER n 
1 64  GLY n 
1 65  ARG n 
1 66  VAL n 
1 67  GLN n 
1 68  ALA n 
1 69  LYS n 
1 70  GLU n 
1 71  SER n 
1 72  GLY n 
1 73  GLU n 
1 74  TYR n 
1 75  VAL n 
1 76  ASN n 
1 77  TYR n 
1 78  ASN n 
1 79  PHE n 
1 80  VAL n 
1 81  PHE n 
1 82  PRO n 
1 83  THR n 
1 84  VAL n 
1 85  GLU n 
1 86  LYS n 
1 87  VAL n 
1 88  PHE n 
1 89  ILE n 
1 90  THR n 
1 91  ASN n 
1 92  ASP n 
1 93  ASN n 
1 94  SER n 
1 95  SER n 
1 96  GLN n 
1 97  SER n 
1 98  GLN n 
1 99  ALA n 
1 100 LYS n 
1 101 GLN n 
1 102 ASP n 
1 103 LEU n 
1 104 PHE n 
1 105 GLY n 
1 106 GLY n 
1 107 SER n 
1 108 GLU n 
1 109 PRO n 
1 110 ILE n 
1 111 GLU n 
1 112 VAL n 
1 113 ASN n 
1 114 SER n 
1 115 GLU n 
1 116 ASP n 
1 117 LEU n 
1 118 PRO n 
1 119 PHE n 
# 
_entity_src_gen.entity_id                          1 
_entity_src_gen.pdbx_src_id                        1 
_entity_src_gen.pdbx_alt_source_flag               sample 
_entity_src_gen.pdbx_seq_type                      ? 
_entity_src_gen.pdbx_beg_seq_num                   ? 
_entity_src_gen.pdbx_end_seq_num                   ? 
_entity_src_gen.gene_src_common_name               ? 
_entity_src_gen.gene_src_genus                     ? 
_entity_src_gen.pdbx_gene_src_gene                 ? 
_entity_src_gen.gene_src_species                   ? 
_entity_src_gen.gene_src_strain                    ? 
_entity_src_gen.gene_src_tissue                    ? 
_entity_src_gen.gene_src_tissue_fraction           ? 
_entity_src_gen.gene_src_details                   ? 
_entity_src_gen.pdbx_gene_src_fragment             ? 
_entity_src_gen.pdbx_gene_src_scientific_name      'LACTOCOCCUS PHAGE P2' 
_entity_src_gen.pdbx_gene_src_ncbi_taxonomy_id     254252 
_entity_src_gen.pdbx_gene_src_variant              ? 
_entity_src_gen.pdbx_gene_src_cell_line            ? 
_entity_src_gen.pdbx_gene_src_atcc                 ? 
_entity_src_gen.pdbx_gene_src_organ                ? 
_entity_src_gen.pdbx_gene_src_organelle            ? 
_entity_src_gen.pdbx_gene_src_cell                 ? 
_entity_src_gen.pdbx_gene_src_cellular_location    ? 
_entity_src_gen.host_org_common_name               ? 
_entity_src_gen.pdbx_host_org_scientific_name      'ESCHERICHIA COLI' 
_entity_src_gen.pdbx_host_org_ncbi_taxonomy_id     562 
_entity_src_gen.host_org_genus                     ? 
_entity_src_gen.pdbx_host_org_gene                 ? 
_entity_src_gen.pdbx_host_org_organ                ? 
_entity_src_gen.host_org_species                   ? 
_entity_src_gen.pdbx_host_org_tissue               ? 
_entity_src_gen.pdbx_host_org_tissue_fraction      ? 
_entity_src_gen.pdbx_host_org_strain               'ROSETTA (DE3) PLYSS' 
_entity_src_gen.pdbx_host_org_variant              ? 
_entity_src_gen.pdbx_host_org_cell_line            ? 
_entity_src_gen.pdbx_host_org_atcc                 ? 
_entity_src_gen.pdbx_host_org_culture_collection   ? 
_entity_src_gen.pdbx_host_org_cell                 ? 
_entity_src_gen.pdbx_host_org_organelle            ? 
_entity_src_gen.pdbx_host_org_cellular_location    ? 
_entity_src_gen.pdbx_host_org_vector_type          ? 
_entity_src_gen.pdbx_host_org_vector               ? 
_entity_src_gen.host_org_details                   ? 
_entity_src_gen.expression_system_id               ? 
_entity_src_gen.plasmid_name                       PETG-20A 
_entity_src_gen.plasmid_details                    ? 
_entity_src_gen.pdbx_description                   ? 
# 
loop_
_chem_comp.id 
_chem_comp.type 
_chem_comp.mon_nstd_flag 
_chem_comp.name 
_chem_comp.pdbx_synonyms 
_chem_comp.formula 
_chem_comp.formula_weight 
ALA 'L-peptide linking' y ALANINE          ? 'C3 H7 N O2'     89.093  
ARG 'L-peptide linking' y ARGININE         ? 'C6 H15 N4 O2 1' 175.209 
ASN 'L-peptide linking' y ASPARAGINE       ? 'C4 H8 N2 O3'    132.118 
ASP 'L-peptide linking' y 'ASPARTIC ACID'  ? 'C4 H7 N O4'     133.103 
GLN 'L-peptide linking' y GLUTAMINE        ? 'C5 H10 N2 O3'   146.144 
GLU 'L-peptide linking' y 'GLUTAMIC ACID'  ? 'C5 H9 N O4'     147.129 
GLY 'peptide linking'   y GLYCINE          ? 'C2 H5 N O2'     75.067  
HOH non-polymer         . WATER            ? 'H2 O'           18.015  
ILE 'L-peptide linking' y ISOLEUCINE       ? 'C6 H13 N O2'    131.173 
LEU 'L-peptide linking' y LEUCINE          ? 'C6 H13 N O2'    131.173 
LYS 'L-peptide linking' y LYSINE           ? 'C6 H15 N2 O2 1' 147.195 
MSE 'L-peptide linking' n SELENOMETHIONINE ? 'C5 H11 N O2 Se' 196.106 
PHE 'L-peptide linking' y PHENYLALANINE    ? 'C9 H11 N O2'    165.189 
PRO 'L-peptide linking' y PROLINE          ? 'C5 H9 N O2'     115.130 
SER 'L-peptide linking' y SERINE           ? 'C3 H7 N O3'     105.093 
THR 'L-peptide linking' y THREONINE        ? 'C4 H9 N O3'     119.119 
TYR 'L-peptide linking' y TYROSINE         ? 'C9 H11 N O3'    181.189 
VAL 'L-peptide linking' y VALINE           ? 'C5 H11 N O2'    117.146 
# 
loop_
_pdbx_poly_seq_scheme.asym_id 
_pdbx_poly_seq_scheme.entity_id 
_pdbx_poly_seq_scheme.seq_id 
_pdbx_poly_seq_scheme.mon_id 
_pdbx_poly_seq_scheme.ndb_seq_num 
_pdbx_poly_seq_scheme.pdb_seq_num 
_pdbx_poly_seq_scheme.auth_seq_num 
_pdbx_poly_seq_scheme.pdb_mon_id 
_pdbx_poly_seq_scheme.auth_mon_id 
_pdbx_poly_seq_scheme.pdb_strand_id 
_pdbx_poly_seq_scheme.pdb_ins_code 
_pdbx_poly_seq_scheme.hetero 
A 1 1   GLY 1   0   0  GLY GLY A . n 
A 1 2   THR 2   1   1  THR THR A . n 
A 1 3   ILE 3   2   2  ILE ILE A . n 
A 1 4   ILE 4   3   3  ILE ILE A . n 
A 1 5   THR 5   4   4  THR THR A . n 
A 1 6   VAL 6   5   5  VAL VAL A . n 
A 1 7   THR 7   6   6  THR THR A . n 
A 1 8   ALA 8   7   7  ALA ALA A . n 
A 1 9   GLN 9   8   8  GLN GLN A . n 
A 1 10  ALA 10  9   9  ALA ALA A . n 
A 1 11  ASN 11  10  10 ASN ASN A . n 
A 1 12  GLU 12  11  11 GLU GLU A . n 
A 1 13  LYS 13  12  12 LYS LYS A . n 
A 1 14  ASN 14  13  13 ASN ASN A . n 
A 1 15  THR 15  14  14 THR THR A . n 
A 1 16  ARG 16  15  15 ARG ARG A . n 
A 1 17  THR 17  16  16 THR THR A . n 
A 1 18  VAL 18  17  17 VAL VAL A . n 
A 1 19  SER 19  18  18 SER SER A . n 
A 1 20  THR 20  19  19 THR THR A . n 
A 1 21  ALA 21  20  20 ALA ALA A . n 
A 1 22  LYS 22  21  21 LYS LYS A . n 
A 1 23  GLY 23  22  22 GLY GLY A . n 
A 1 24  ASP 24  23  23 ASP ASP A . n 
A 1 25  LYS 25  24  24 LYS LYS A . n 
A 1 26  LYS 26  25  25 LYS LYS A . n 
A 1 27  ILE 27  26  26 ILE ILE A . n 
A 1 28  ILE 28  27  27 ILE ILE A . n 
A 1 29  SER 29  28  28 SER SER A . n 
A 1 30  VAL 30  29  29 VAL VAL A . n 
A 1 31  PRO 31  30  30 PRO PRO A . n 
A 1 32  LEU 32  31  31 LEU LEU A . n 
A 1 33  PHE 33  32  32 PHE PHE A . n 
A 1 34  GLU 34  33  33 GLU GLU A . n 
A 1 35  LYS 35  34  34 LYS LYS A . n 
A 1 36  GLU 36  35  35 GLU GLU A . n 
A 1 37  LYS 37  36  ?  ?   ?   A . n 
A 1 38  GLY 38  37  ?  ?   ?   A . n 
A 1 39  SER 39  38  ?  ?   ?   A . n 
A 1 40  ASN 40  39  ?  ?   ?   A . n 
A 1 41  VAL 41  40  40 VAL VAL A . n 
A 1 42  LYS 42  41  41 LYS LYS A . n 
A 1 43  VAL 43  42  42 VAL VAL A . n 
A 1 44  ALA 44  43  43 ALA ALA A . n 
A 1 45  TYR 45  44  44 TYR TYR A . n 
A 1 46  GLY 46  45  45 GLY GLY A . n 
A 1 47  SER 47  46  46 SER SER A . n 
A 1 48  ALA 48  47  47 ALA ALA A . n 
A 1 49  PHE 49  48  48 PHE PHE A . n 
A 1 50  MSE 50  49  49 MSE MSE A . n 
A 1 51  PRO 51  50  50 PRO PRO A . n 
A 1 52  ASP 52  51  51 ASP ASP A . n 
A 1 53  PHE 53  52  52 PHE PHE A . n 
A 1 54  ILE 54  53  53 ILE ILE A . n 
A 1 55  GLN 55  54  54 GLN GLN A . n 
A 1 56  MSE 56  55  55 MSE MSE A . n 
A 1 57  GLY 57  56  56 GLY GLY A . n 
A 1 58  ASP 58  57  57 ASP ASP A . n 
A 1 59  THR 59  58  58 THR THR A . n 
A 1 60  VAL 60  59  59 VAL VAL A . n 
A 1 61  THR 61  60  60 THR THR A . n 
A 1 62  VAL 62  61  61 VAL VAL A . n 
A 1 63  SER 63  62  62 SER SER A . n 
A 1 64  GLY 64  63  63 GLY GLY A . n 
A 1 65  ARG 65  64  64 ARG ARG A . n 
A 1 66  VAL 66  65  65 VAL VAL A . n 
A 1 67  GLN 67  66  66 GLN GLN A . n 
A 1 68  ALA 68  67  67 ALA ALA A . n 
A 1 69  LYS 69  68  68 LYS LYS A . n 
A 1 70  GLU 70  69  ?  ?   ?   A . n 
A 1 71  SER 71  70  ?  ?   ?   A . n 
A 1 72  GLY 72  71  ?  ?   ?   A . n 
A 1 73  GLU 73  72  ?  ?   ?   A . n 
A 1 74  TYR 74  73  ?  ?   ?   A . n 
A 1 75  VAL 75  74  ?  ?   ?   A . n 
A 1 76  ASN 76  75  75 ASN ASN A . n 
A 1 77  TYR 77  76  76 TYR TYR A . n 
A 1 78  ASN 78  77  77 ASN ASN A . n 
A 1 79  PHE 79  78  78 PHE PHE A . n 
A 1 80  VAL 80  79  79 VAL VAL A . n 
A 1 81  PHE 81  80  80 PHE PHE A . n 
A 1 82  PRO 82  81  81 PRO PRO A . n 
A 1 83  THR 83  82  82 THR THR A . n 
A 1 84  VAL 84  83  83 VAL VAL A . n 
A 1 85  GLU 85  84  84 GLU GLU A . n 
A 1 86  LYS 86  85  85 LYS LYS A . n 
A 1 87  VAL 87  86  86 VAL VAL A . n 
A 1 88  PHE 88  87  87 PHE PHE A . n 
A 1 89  ILE 89  88  88 ILE ILE A . n 
A 1 90  THR 90  89  ?  ?   ?   A . n 
A 1 91  ASN 91  90  ?  ?   ?   A . n 
A 1 92  ASP 92  91  ?  ?   ?   A . n 
A 1 93  ASN 93  92  ?  ?   ?   A . n 
A 1 94  SER 94  93  ?  ?   ?   A . n 
A 1 95  SER 95  94  ?  ?   ?   A . n 
A 1 96  GLN 96  95  ?  ?   ?   A . n 
A 1 97  SER 97  96  ?  ?   ?   A . n 
A 1 98  GLN 98  97  ?  ?   ?   A . n 
A 1 99  ALA 99  98  ?  ?   ?   A . n 
A 1 100 LYS 100 99  ?  ?   ?   A . n 
A 1 101 GLN 101 100 ?  ?   ?   A . n 
A 1 102 ASP 102 101 ?  ?   ?   A . n 
A 1 103 LEU 103 102 ?  ?   ?   A . n 
A 1 104 PHE 104 103 ?  ?   ?   A . n 
A 1 105 GLY 105 104 ?  ?   ?   A . n 
A 1 106 GLY 106 105 ?  ?   ?   A . n 
A 1 107 SER 107 106 ?  ?   ?   A . n 
A 1 108 GLU 108 107 ?  ?   ?   A . n 
A 1 109 PRO 109 108 ?  ?   ?   A . n 
A 1 110 ILE 110 109 ?  ?   ?   A . n 
A 1 111 GLU 111 110 ?  ?   ?   A . n 
A 1 112 VAL 112 111 ?  ?   ?   A . n 
A 1 113 ASN 113 112 ?  ?   ?   A . n 
A 1 114 SER 114 113 ?  ?   ?   A . n 
A 1 115 GLU 115 114 ?  ?   ?   A . n 
A 1 116 ASP 116 115 ?  ?   ?   A . n 
A 1 117 LEU 117 116 ?  ?   ?   A . n 
A 1 118 PRO 118 117 ?  ?   ?   A . n 
A 1 119 PHE 119 118 ?  ?   ?   A . n 
# 
loop_
_pdbx_nonpoly_scheme.asym_id 
_pdbx_nonpoly_scheme.entity_id 
_pdbx_nonpoly_scheme.mon_id 
_pdbx_nonpoly_scheme.ndb_seq_num 
_pdbx_nonpoly_scheme.pdb_seq_num 
_pdbx_nonpoly_scheme.auth_seq_num 
_pdbx_nonpoly_scheme.pdb_mon_id 
_pdbx_nonpoly_scheme.auth_mon_id 
_pdbx_nonpoly_scheme.pdb_strand_id 
_pdbx_nonpoly_scheme.pdb_ins_code 
B 2 HOH 1  2001 2001 HOH HOH A . 
B 2 HOH 2  2002 2002 HOH HOH A . 
B 2 HOH 3  2003 2003 HOH HOH A . 
B 2 HOH 4  2004 2004 HOH HOH A . 
B 2 HOH 5  2005 2005 HOH HOH A . 
B 2 HOH 6  2006 2006 HOH HOH A . 
B 2 HOH 7  2007 2007 HOH HOH A . 
B 2 HOH 8  2008 2008 HOH HOH A . 
B 2 HOH 9  2009 2009 HOH HOH A . 
B 2 HOH 10 2010 2010 HOH HOH A . 
B 2 HOH 11 2011 2011 HOH HOH A . 
B 2 HOH 12 2012 2012 HOH HOH A . 
B 2 HOH 13 2013 2013 HOH HOH A . 
B 2 HOH 14 2014 2014 HOH HOH A . 
B 2 HOH 15 2015 2015 HOH HOH A . 
B 2 HOH 16 2016 2016 HOH HOH A . 
B 2 HOH 17 2017 2017 HOH HOH A . 
B 2 HOH 18 2018 2018 HOH HOH A . 
B 2 HOH 19 2019 2019 HOH HOH A . 
B 2 HOH 20 2020 2020 HOH HOH A . 
B 2 HOH 21 2021 2021 HOH HOH A . 
B 2 HOH 22 2022 2022 HOH HOH A . 
B 2 HOH 23 2023 2023 HOH HOH A . 
B 2 HOH 24 2024 2024 HOH HOH A . 
B 2 HOH 25 2025 2025 HOH HOH A . 
B 2 HOH 26 2026 2026 HOH HOH A . 
# 
loop_
_software.name 
_software.classification 
_software.version 
_software.citation_id 
_software.pdbx_ordinal 
_software.date 
_software.type 
_software.location 
_software.language 
REFMAC   refinement     5.5.0088 ? 1 ? ? ? ? 
TRUNCATE 'data scaling' .        ? 2 ? ? ? ? 
SHELX    phasing        .        ? 3 ? ? ? ? 
# 
_cell.entry_id           2WKD 
_cell.length_a           75.740 
_cell.length_b           75.740 
_cell.length_c           88.040 
_cell.angle_alpha        90.00 
_cell.angle_beta         90.00 
_cell.angle_gamma        120.00 
_cell.Z_PDB              12 
_cell.pdbx_unique_axis   ? 
# 
_symmetry.entry_id                         2WKD 
_symmetry.space_group_name_H-M             'P 63 2 2' 
_symmetry.pdbx_full_space_group_name_H-M   ? 
_symmetry.cell_setting                     ? 
_symmetry.Int_Tables_number                182 
# 
_exptl.entry_id          2WKD 
_exptl.method            'X-RAY DIFFRACTION' 
_exptl.crystals_number   1 
# 
_exptl_crystal.id                    1 
_exptl_crystal.density_meas          ? 
_exptl_crystal.density_Matthews      4.22 
_exptl_crystal.density_percent_sol   70.9 
_exptl_crystal.description           NONE 
_exptl_crystal.preparation           ? 
# 
_exptl_crystal_grow.crystal_id      1 
_exptl_crystal_grow.method          'VAPOR DIFFUSION, SITTING DROP' 
_exptl_crystal_grow.temp            ? 
_exptl_crystal_grow.temp_details    ? 
_exptl_crystal_grow.pH              7.2 
_exptl_crystal_grow.pdbx_pH_range   ? 
_exptl_crystal_grow.pdbx_details    
;PROTEIN AT 7 MG/ML IN 10 MM TRIS, 300 MM NACL, 1 MM TCEP, PH 8.0 WAS CRYSTALLIZED BY SITTING-DROP VAPOUR DIFFUSION AGAINST 0.1 M HEPES PH 7.2, 60% MME-PEG550
;
# 
_diffrn.id                               1 
_diffrn.ambient_temp                     100 
_diffrn.ambient_temp_details             ? 
_diffrn.crystal_id                       1 
_diffrn.pdbx_serial_crystal_experiment   ? 
# 
_diffrn_detector.diffrn_id              1 
_diffrn_detector.detector               CCD 
_diffrn_detector.type                   'ADSC CCD' 
_diffrn_detector.pdbx_collection_date   2008-10-30 
_diffrn_detector.details                ? 
# 
_diffrn_radiation.diffrn_id                        1 
_diffrn_radiation.wavelength_id                    1 
_diffrn_radiation.pdbx_monochromatic_or_laue_m_l   M 
_diffrn_radiation.monochromator                    ? 
_diffrn_radiation.pdbx_diffrn_protocol             'SINGLE WAVELENGTH' 
_diffrn_radiation.pdbx_scattering_type             x-ray 
# 
_diffrn_radiation_wavelength.id           1 
_diffrn_radiation_wavelength.wavelength   0.976 
_diffrn_radiation_wavelength.wt           1.0 
# 
_diffrn_source.diffrn_id                   1 
_diffrn_source.source                      SYNCHROTRON 
_diffrn_source.type                        'SOLEIL BEAMLINE PROXIMA 1' 
_diffrn_source.pdbx_synchrotron_site       SOLEIL 
_diffrn_source.pdbx_synchrotron_beamline   'PROXIMA 1' 
_diffrn_source.pdbx_wavelength             0.976 
_diffrn_source.pdbx_wavelength_list        ? 
# 
_reflns.pdbx_diffrn_id               1 
_reflns.pdbx_ordinal                 1 
_reflns.entry_id                     2WKD 
_reflns.observed_criterion_sigma_I   -3.0 
_reflns.observed_criterion_sigma_F   ? 
_reflns.d_resolution_low             88.04 
_reflns.d_resolution_high            2.10 
_reflns.number_obs                   9205 
_reflns.number_all                   ? 
_reflns.percent_possible_obs         99.8 
_reflns.pdbx_Rmerge_I_obs            0.05 
_reflns.pdbx_Rsym_value              ? 
_reflns.pdbx_netI_over_sigmaI        25.79 
_reflns.B_iso_Wilson_estimate        40 
_reflns.pdbx_redundancy              10.18 
# 
_reflns_shell.pdbx_diffrn_id         1 
_reflns_shell.pdbx_ordinal           1 
_reflns_shell.d_res_high             2.10 
_reflns_shell.d_res_low              2.12 
_reflns_shell.percent_possible_all   100.0 
_reflns_shell.Rmerge_I_obs           0.44 
_reflns_shell.pdbx_Rsym_value        ? 
_reflns_shell.meanI_over_sigI_obs    3.77 
_reflns_shell.pdbx_redundancy        10.54 
# 
_refine.pdbx_refine_id                           'X-RAY DIFFRACTION' 
_refine.entry_id                                 2WKD 
_refine.pdbx_diffrn_id                           1 
_refine.pdbx_TLS_residual_ADP_flag               'LIKELY RESIDUAL' 
_refine.ls_number_reflns_obs                     9182 
_refine.ls_number_reflns_all                     ? 
_refine.pdbx_ls_sigma_I                          ? 
_refine.pdbx_ls_sigma_F                          . 
_refine.pdbx_data_cutoff_high_absF               ? 
_refine.pdbx_data_cutoff_low_absF                ? 
_refine.pdbx_data_cutoff_high_rms_absF           ? 
_refine.ls_d_res_low                             44.020 
_refine.ls_d_res_high                            2.100 
_refine.ls_percent_reflns_obs                    99.783 
_refine.ls_R_factor_obs                          0.240 
_refine.ls_R_factor_all                          ? 
_refine.ls_R_factor_R_work                       0.2386 
_refine.ls_R_factor_R_free                       0.2562 
_refine.ls_R_factor_R_free_error                 ? 
_refine.ls_R_factor_R_free_error_details         ? 
_refine.ls_percent_reflns_R_free                 10.08 
_refine.ls_number_reflns_R_free                  918 
_refine.ls_number_parameters                     ? 
_refine.ls_number_restraints                     ? 
_refine.occupancy_min                            ? 
_refine.occupancy_max                            ? 
_refine.correlation_coeff_Fo_to_Fc               0.935 
_refine.correlation_coeff_Fo_to_Fc_free          0.934 
_refine.B_iso_mean                               55.7 
_refine.aniso_B[1][1]                            3.152 
_refine.aniso_B[2][2]                            3.152 
_refine.aniso_B[3][3]                            -4.728 
_refine.aniso_B[1][2]                            1.576 
_refine.aniso_B[1][3]                            0.000 
_refine.aniso_B[2][3]                            0.000 
_refine.solvent_model_details                    'BABINET MODEL PLUS MASK' 
_refine.solvent_model_param_ksol                 ? 
_refine.solvent_model_param_bsol                 ? 
_refine.pdbx_solvent_vdw_probe_radii             1.400 
_refine.pdbx_solvent_ion_probe_radii             0.800 
_refine.pdbx_solvent_shrinkage_radii             ? 
_refine.pdbx_ls_cross_valid_method               THROUGHOUT 
_refine.details                                  'HYDROGENS HAVE BEEN ADDED IN THE RIDING POSITIONS.' 
_refine.pdbx_starting_model                      NONE 
_refine.pdbx_method_to_determine_struct          SAD 
_refine.pdbx_isotropic_thermal_model             ? 
_refine.pdbx_stereochemistry_target_values       'MAXIMUM LIKELIHOOD' 
_refine.pdbx_stereochem_target_val_spec_case     ? 
_refine.pdbx_R_Free_selection_details            RANDOM 
_refine.pdbx_overall_ESU_R                       0.173 
_refine.pdbx_overall_ESU_R_Free                  0.155 
_refine.overall_SU_ML                            0.120 
_refine.pdbx_overall_phase_error                 ? 
_refine.overall_SU_B                             10.471 
_refine.overall_SU_R_Cruickshank_DPI             ? 
_refine.pdbx_overall_SU_R_free_Cruickshank_DPI   ? 
_refine.pdbx_overall_SU_R_Blow_DPI               ? 
_refine.pdbx_overall_SU_R_free_Blow_DPI          ? 
# 
_refine_hist.pdbx_refine_id                   'X-RAY DIFFRACTION' 
_refine_hist.cycle_id                         LAST 
_refine_hist.pdbx_number_atoms_protein        610 
_refine_hist.pdbx_number_atoms_nucleic_acid   0 
_refine_hist.pdbx_number_atoms_ligand         0 
_refine_hist.number_atoms_solvent             26 
_refine_hist.number_atoms_total               636 
_refine_hist.d_res_high                       2.100 
_refine_hist.d_res_low                        44.020 
# 
loop_
_refine_ls_restr.type 
_refine_ls_restr.dev_ideal 
_refine_ls_restr.dev_ideal_target 
_refine_ls_restr.weight 
_refine_ls_restr.number 
_refine_ls_restr.pdbx_refine_id 
_refine_ls_restr.pdbx_restraint_function 
r_bond_refined_d             0.011  0.022  ? 618 'X-RAY DIFFRACTION' ? 
r_bond_other_d               ?      ?      ? ?   'X-RAY DIFFRACTION' ? 
r_angle_refined_deg          1.186  1.949  ? 832 'X-RAY DIFFRACTION' ? 
r_angle_other_deg            ?      ?      ? ?   'X-RAY DIFFRACTION' ? 
r_dihedral_angle_1_deg       5.932  5.000  ? 76  'X-RAY DIFFRACTION' ? 
r_dihedral_angle_2_deg       32.812 25.000 ? 24  'X-RAY DIFFRACTION' ? 
r_dihedral_angle_3_deg       16.688 15.000 ? 111 'X-RAY DIFFRACTION' ? 
r_dihedral_angle_4_deg       24.773 15.000 ? 2   'X-RAY DIFFRACTION' ? 
r_chiral_restr               0.089  0.200  ? 101 'X-RAY DIFFRACTION' ? 
r_gen_planes_refined         0.004  0.021  ? 440 'X-RAY DIFFRACTION' ? 
r_gen_planes_other           ?      ?      ? ?   'X-RAY DIFFRACTION' ? 
r_nbd_refined                0.198  0.200  ? 208 'X-RAY DIFFRACTION' ? 
r_nbd_other                  ?      ?      ? ?   'X-RAY DIFFRACTION' ? 
r_nbtor_refined              0.305  0.200  ? 419 'X-RAY DIFFRACTION' ? 
r_nbtor_other                ?      ?      ? ?   'X-RAY DIFFRACTION' ? 
r_xyhbond_nbd_refined        0.111  0.200  ? 34  'X-RAY DIFFRACTION' ? 
r_xyhbond_nbd_other          ?      ?      ? ?   'X-RAY DIFFRACTION' ? 
r_metal_ion_refined          ?      ?      ? ?   'X-RAY DIFFRACTION' ? 
r_metal_ion_other            ?      ?      ? ?   'X-RAY DIFFRACTION' ? 
r_symmetry_vdw_refined       0.131  0.200  ? 30  'X-RAY DIFFRACTION' ? 
r_symmetry_vdw_other         ?      ?      ? ?   'X-RAY DIFFRACTION' ? 
r_symmetry_hbond_refined     0.141  0.200  ? 8   'X-RAY DIFFRACTION' ? 
r_symmetry_hbond_other       ?      ?      ? ?   'X-RAY DIFFRACTION' ? 
r_symmetry_metal_ion_refined ?      ?      ? ?   'X-RAY DIFFRACTION' ? 
r_symmetry_metal_ion_other   ?      ?      ? ?   'X-RAY DIFFRACTION' ? 
r_mcbond_it                  1.626  1.500  ? 390 'X-RAY DIFFRACTION' ? 
r_mcbond_other               ?      ?      ? ?   'X-RAY DIFFRACTION' ? 
r_mcangle_it                 2.530  2.000  ? 637 'X-RAY DIFFRACTION' ? 
r_mcangle_other              ?      ?      ? ?   'X-RAY DIFFRACTION' ? 
r_scbond_it                  4.315  3.000  ? 228 'X-RAY DIFFRACTION' ? 
r_scbond_other               ?      ?      ? ?   'X-RAY DIFFRACTION' ? 
r_scangle_it                 6.543  4.500  ? 195 'X-RAY DIFFRACTION' ? 
r_scangle_other              ?      ?      ? ?   'X-RAY DIFFRACTION' ? 
r_long_range_B_refined       ?      ?      ? ?   'X-RAY DIFFRACTION' ? 
r_long_range_B_other         ?      ?      ? ?   'X-RAY DIFFRACTION' ? 
r_rigid_bond_restr           ?      ?      ? ?   'X-RAY DIFFRACTION' ? 
r_sphericity_free            ?      ?      ? ?   'X-RAY DIFFRACTION' ? 
r_sphericity_bonded          ?      ?      ? ?   'X-RAY DIFFRACTION' ? 
# 
_refine_ls_shell.pdbx_refine_id                   'X-RAY DIFFRACTION' 
_refine_ls_shell.pdbx_total_number_of_bins_used   20 
_refine_ls_shell.d_res_high                       2.1 
_refine_ls_shell.d_res_low                        2.155 
_refine_ls_shell.number_reflns_R_work             591 
_refine_ls_shell.R_factor_R_work                  0.307 
_refine_ls_shell.percent_reflns_obs               100.0 
_refine_ls_shell.R_factor_R_free                  0.339 
_refine_ls_shell.R_factor_R_free_error            ? 
_refine_ls_shell.percent_reflns_R_free            ? 
_refine_ls_shell.number_reflns_R_free             67 
_refine_ls_shell.number_reflns_all                ? 
_refine_ls_shell.R_factor_all                     ? 
# 
_struct.entry_id                  2WKD 
_struct.title                     'Crystal structure of a double Ile-to-Met mutant of protein ORF34 from lactococcus phage p2' 
_struct.pdbx_model_details        ? 
_struct.pdbx_CASP_flag            ? 
_struct.pdbx_model_type_details   ? 
# 
_struct_keywords.entry_id        2WKD 
_struct_keywords.pdbx_keywords   'DNA BINDING PROTEIN' 
_struct_keywords.text            'SSB, SINGLE-STRANDED DNA BINDING, DNA BINDING PROTEIN' 
# 
loop_
_struct_asym.id 
_struct_asym.pdbx_blank_PDB_chainid_flag 
_struct_asym.pdbx_modified 
_struct_asym.entity_id 
_struct_asym.details 
A N N 1 ? 
B N N 2 ? 
# 
_struct_ref.id                         1 
_struct_ref.db_name                    UNP 
_struct_ref.db_code                    Q09WL7_9CAUD 
_struct_ref.entity_id                  1 
_struct_ref.pdbx_seq_one_letter_code   ? 
_struct_ref.pdbx_align_begin           ? 
_struct_ref.pdbx_db_accession          Q09WL7 
_struct_ref.pdbx_db_isoform            ? 
# 
_struct_ref_seq.align_id                      1 
_struct_ref_seq.ref_id                        1 
_struct_ref_seq.pdbx_PDB_id_code              2WKD 
_struct_ref_seq.pdbx_strand_id                A 
_struct_ref_seq.seq_align_beg                 3 
_struct_ref_seq.pdbx_seq_align_beg_ins_code   ? 
_struct_ref_seq.seq_align_end                 119 
_struct_ref_seq.pdbx_seq_align_end_ins_code   ? 
_struct_ref_seq.pdbx_db_accession             Q09WL7 
_struct_ref_seq.db_align_beg                  15 
_struct_ref_seq.pdbx_db_align_beg_ins_code    ? 
_struct_ref_seq.db_align_end                  131 
_struct_ref_seq.pdbx_db_align_end_ins_code    ? 
_struct_ref_seq.pdbx_auth_seq_align_beg       2 
_struct_ref_seq.pdbx_auth_seq_align_end       118 
# 
loop_
_struct_ref_seq_dif.align_id 
_struct_ref_seq_dif.pdbx_pdb_id_code 
_struct_ref_seq_dif.mon_id 
_struct_ref_seq_dif.pdbx_pdb_strand_id 
_struct_ref_seq_dif.seq_num 
_struct_ref_seq_dif.pdbx_pdb_ins_code 
_struct_ref_seq_dif.pdbx_seq_db_name 
_struct_ref_seq_dif.pdbx_seq_db_accession_code 
_struct_ref_seq_dif.db_mon_id 
_struct_ref_seq_dif.pdbx_seq_db_seq_num 
_struct_ref_seq_dif.details 
_struct_ref_seq_dif.pdbx_auth_seq_num 
_struct_ref_seq_dif.pdbx_ordinal 
1 2WKD GLY A 1  ? UNP Q09WL7 ?   ?  'expression tag'      0  1 
1 2WKD THR A 2  ? UNP Q09WL7 ?   ?  'expression tag'      1  2 
1 2WKD MSE A 50 ? UNP Q09WL7 LEU 62 'engineered mutation' 49 3 
1 2WKD MSE A 56 ? UNP Q09WL7 LEU 68 'engineered mutation' 55 4 
# 
_pdbx_struct_assembly.id                   1 
_pdbx_struct_assembly.details              author_and_software_defined_assembly 
_pdbx_struct_assembly.method_details       PISA 
_pdbx_struct_assembly.oligomeric_details   dimeric 
_pdbx_struct_assembly.oligomeric_count     2 
# 
loop_
_pdbx_struct_assembly_prop.biol_id 
_pdbx_struct_assembly_prop.type 
_pdbx_struct_assembly_prop.value 
_pdbx_struct_assembly_prop.details 
1 'ABSA (A^2)' 1890 ? 
1 MORE         -5.6 ? 
1 'SSA (A^2)'  9720 ? 
# 
_pdbx_struct_assembly_gen.assembly_id       1 
_pdbx_struct_assembly_gen.oper_expression   1,2 
_pdbx_struct_assembly_gen.asym_id_list      A,B 
# 
loop_
_pdbx_struct_oper_list.id 
_pdbx_struct_oper_list.type 
_pdbx_struct_oper_list.name 
_pdbx_struct_oper_list.symmetry_operation 
_pdbx_struct_oper_list.matrix[1][1] 
_pdbx_struct_oper_list.matrix[1][2] 
_pdbx_struct_oper_list.matrix[1][3] 
_pdbx_struct_oper_list.vector[1] 
_pdbx_struct_oper_list.matrix[2][1] 
_pdbx_struct_oper_list.matrix[2][2] 
_pdbx_struct_oper_list.matrix[2][3] 
_pdbx_struct_oper_list.vector[2] 
_pdbx_struct_oper_list.matrix[3][1] 
_pdbx_struct_oper_list.matrix[3][2] 
_pdbx_struct_oper_list.matrix[3][3] 
_pdbx_struct_oper_list.vector[3] 
1 'identity operation'         1_555 x,y,z  1.0000000000  0.0000000000  0.0000000000  0.0000000000 0.0000000000  1.0000000000 0.0000000000 0.0000000000  0.0000000000  0.0000000000 1.0000000000  0.0000000000  
2 'crystal symmetry operation' 7_555 y,x,-z -0.3712958774 -0.8340933874 -0.4079553805 7.9556226605 -0.8340933874 0.1065805901 0.5412289708 -4.9782125381 -0.4079553805 0.5412289708 -0.7352847127 22.4387944401 
# 
loop_
_struct_conn.id 
_struct_conn.conn_type_id 
_struct_conn.pdbx_leaving_atom_flag 
_struct_conn.pdbx_PDB_id 
_struct_conn.ptnr1_label_asym_id 
_struct_conn.ptnr1_label_comp_id 
_struct_conn.ptnr1_label_seq_id 
_struct_conn.ptnr1_label_atom_id 
_struct_conn.pdbx_ptnr1_label_alt_id 
_struct_conn.pdbx_ptnr1_PDB_ins_code 
_struct_conn.pdbx_ptnr1_standard_comp_id 
_struct_conn.ptnr1_symmetry 
_struct_conn.ptnr2_label_asym_id 
_struct_conn.ptnr2_label_comp_id 
_struct_conn.ptnr2_label_seq_id 
_struct_conn.ptnr2_label_atom_id 
_struct_conn.pdbx_ptnr2_label_alt_id 
_struct_conn.pdbx_ptnr2_PDB_ins_code 
_struct_conn.ptnr1_auth_asym_id 
_struct_conn.ptnr1_auth_comp_id 
_struct_conn.ptnr1_auth_seq_id 
_struct_conn.ptnr2_auth_asym_id 
_struct_conn.ptnr2_auth_comp_id 
_struct_conn.ptnr2_auth_seq_id 
_struct_conn.ptnr2_symmetry 
_struct_conn.pdbx_ptnr3_label_atom_id 
_struct_conn.pdbx_ptnr3_label_seq_id 
_struct_conn.pdbx_ptnr3_label_comp_id 
_struct_conn.pdbx_ptnr3_label_asym_id 
_struct_conn.pdbx_ptnr3_label_alt_id 
_struct_conn.pdbx_ptnr3_PDB_ins_code 
_struct_conn.details 
_struct_conn.pdbx_dist_value 
_struct_conn.pdbx_value_order 
_struct_conn.pdbx_role 
covale1 covale both ? A PHE 49 C ? ? ? 1_555 A MSE 50 N ? ? A PHE 48 A MSE 49 1_555 ? ? ? ? ? ? ? 1.328 ? ? 
covale2 covale both ? A MSE 50 C ? ? ? 1_555 A PRO 51 N ? ? A MSE 49 A PRO 50 1_555 ? ? ? ? ? ? ? 1.350 ? ? 
covale3 covale both ? A GLN 55 C ? ? ? 1_555 A MSE 56 N ? ? A GLN 54 A MSE 55 1_555 ? ? ? ? ? ? ? 1.329 ? ? 
covale4 covale both ? A MSE 56 C ? ? ? 1_555 A GLY 57 N ? ? A MSE 55 A GLY 56 1_555 ? ? ? ? ? ? ? 1.329 ? ? 
# 
_struct_conn_type.id          covale 
_struct_conn_type.criteria    ? 
_struct_conn_type.reference   ? 
# 
loop_
_pdbx_modification_feature.ordinal 
_pdbx_modification_feature.label_comp_id 
_pdbx_modification_feature.label_asym_id 
_pdbx_modification_feature.label_seq_id 
_pdbx_modification_feature.label_alt_id 
_pdbx_modification_feature.modified_residue_label_comp_id 
_pdbx_modification_feature.modified_residue_label_asym_id 
_pdbx_modification_feature.modified_residue_label_seq_id 
_pdbx_modification_feature.modified_residue_label_alt_id 
_pdbx_modification_feature.auth_comp_id 
_pdbx_modification_feature.auth_asym_id 
_pdbx_modification_feature.auth_seq_id 
_pdbx_modification_feature.PDB_ins_code 
_pdbx_modification_feature.symmetry 
_pdbx_modification_feature.modified_residue_auth_comp_id 
_pdbx_modification_feature.modified_residue_auth_asym_id 
_pdbx_modification_feature.modified_residue_auth_seq_id 
_pdbx_modification_feature.modified_residue_PDB_ins_code 
_pdbx_modification_feature.modified_residue_symmetry 
_pdbx_modification_feature.comp_id_linking_atom 
_pdbx_modification_feature.modified_residue_id_linking_atom 
_pdbx_modification_feature.modified_residue_id 
_pdbx_modification_feature.ref_pcm_id 
_pdbx_modification_feature.ref_comp_id 
_pdbx_modification_feature.type 
_pdbx_modification_feature.category 
1 MSE A 50 ? . . . . MSE A 49 ? 1_555 . . . . . . . MET 1 MSE Selenomethionine 'Named protein modification' 
2 MSE A 56 ? . . . . MSE A 55 ? 1_555 . . . . . . . MET 1 MSE Selenomethionine 'Named protein modification' 
# 
_struct_sheet.id               AA 
_struct_sheet.type             ? 
_struct_sheet.number_strands   6 
_struct_sheet.details          ? 
# 
loop_
_struct_sheet_order.sheet_id 
_struct_sheet_order.range_id_1 
_struct_sheet_order.range_id_2 
_struct_sheet_order.offset 
_struct_sheet_order.sense 
AA 1 2 ? anti-parallel 
AA 2 3 ? anti-parallel 
AA 3 4 ? parallel      
AA 4 5 ? anti-parallel 
AA 5 6 ? anti-parallel 
# 
loop_
_struct_sheet_range.sheet_id 
_struct_sheet_range.id 
_struct_sheet_range.beg_label_comp_id 
_struct_sheet_range.beg_label_asym_id 
_struct_sheet_range.beg_label_seq_id 
_struct_sheet_range.pdbx_beg_PDB_ins_code 
_struct_sheet_range.end_label_comp_id 
_struct_sheet_range.end_label_asym_id 
_struct_sheet_range.end_label_seq_id 
_struct_sheet_range.pdbx_end_PDB_ins_code 
_struct_sheet_range.beg_auth_comp_id 
_struct_sheet_range.beg_auth_asym_id 
_struct_sheet_range.beg_auth_seq_id 
_struct_sheet_range.end_auth_comp_id 
_struct_sheet_range.end_auth_asym_id 
_struct_sheet_range.end_auth_seq_id 
AA 1 ILE A 4  ? GLN A 9  ? ILE A 3  GLN A 8  
AA 2 THR A 59 ? ALA A 68 ? THR A 58 ALA A 67 
AA 3 TYR A 77 ? VAL A 87 ? TYR A 76 VAL A 86 
AA 4 TYR A 45 ? PHE A 49 ? TYR A 44 PHE A 48 
AA 5 LYS A 25 ? PRO A 31 ? LYS A 24 PRO A 30 
AA 6 THR A 15 ? VAL A 18 ? THR A 14 VAL A 17 
# 
loop_
_pdbx_struct_sheet_hbond.sheet_id 
_pdbx_struct_sheet_hbond.range_id_1 
_pdbx_struct_sheet_hbond.range_id_2 
_pdbx_struct_sheet_hbond.range_1_label_atom_id 
_pdbx_struct_sheet_hbond.range_1_label_comp_id 
_pdbx_struct_sheet_hbond.range_1_label_asym_id 
_pdbx_struct_sheet_hbond.range_1_label_seq_id 
_pdbx_struct_sheet_hbond.range_1_PDB_ins_code 
_pdbx_struct_sheet_hbond.range_1_auth_atom_id 
_pdbx_struct_sheet_hbond.range_1_auth_comp_id 
_pdbx_struct_sheet_hbond.range_1_auth_asym_id 
_pdbx_struct_sheet_hbond.range_1_auth_seq_id 
_pdbx_struct_sheet_hbond.range_2_label_atom_id 
_pdbx_struct_sheet_hbond.range_2_label_comp_id 
_pdbx_struct_sheet_hbond.range_2_label_asym_id 
_pdbx_struct_sheet_hbond.range_2_label_seq_id 
_pdbx_struct_sheet_hbond.range_2_PDB_ins_code 
_pdbx_struct_sheet_hbond.range_2_auth_atom_id 
_pdbx_struct_sheet_hbond.range_2_auth_comp_id 
_pdbx_struct_sheet_hbond.range_2_auth_asym_id 
_pdbx_struct_sheet_hbond.range_2_auth_seq_id 
AA 1 2 N ALA A 8  ? N ALA A 7  O VAL A 60 ? O VAL A 59 
AA 2 3 N GLN A 67 ? N GLN A 66 O ASN A 78 ? O ASN A 77 
AA 3 4 N TYR A 77 ? N TYR A 76 O TYR A 45 ? O TYR A 44 
AA 4 5 N ALA A 48 ? N ALA A 47 O ILE A 28 ? O ILE A 27 
AA 5 6 N ILE A 27 ? N ILE A 26 O ARG A 16 ? O ARG A 15 
# 
_pdbx_entry_details.entry_id                   2WKD 
_pdbx_entry_details.compound_details           
;ENGINEERED RESIDUE IN CHAIN A, LEU 62 TO MSE
ENGINEERED RESIDUE IN CHAIN A, LEU 68 TO MSE
;
_pdbx_entry_details.source_details             ? 
_pdbx_entry_details.nonpolymer_details         ? 
_pdbx_entry_details.sequence_details           ? 
_pdbx_entry_details.has_ligand_of_interest     ? 
_pdbx_entry_details.has_protein_modification   Y 
# 
loop_
_pdbx_struct_mod_residue.id 
_pdbx_struct_mod_residue.label_asym_id 
_pdbx_struct_mod_residue.label_comp_id 
_pdbx_struct_mod_residue.label_seq_id 
_pdbx_struct_mod_residue.auth_asym_id 
_pdbx_struct_mod_residue.auth_comp_id 
_pdbx_struct_mod_residue.auth_seq_id 
_pdbx_struct_mod_residue.PDB_ins_code 
_pdbx_struct_mod_residue.parent_comp_id 
_pdbx_struct_mod_residue.details 
1 A MSE 50 A MSE 49 ? MET SELENOMETHIONINE 
2 A MSE 56 A MSE 55 ? MET SELENOMETHIONINE 
# 
loop_
_pdbx_struct_special_symmetry.id 
_pdbx_struct_special_symmetry.PDB_model_num 
_pdbx_struct_special_symmetry.auth_asym_id 
_pdbx_struct_special_symmetry.auth_comp_id 
_pdbx_struct_special_symmetry.auth_seq_id 
_pdbx_struct_special_symmetry.PDB_ins_code 
_pdbx_struct_special_symmetry.label_asym_id 
_pdbx_struct_special_symmetry.label_comp_id 
_pdbx_struct_special_symmetry.label_seq_id 
1 1 A HOH 2003 ? B HOH . 
2 1 A HOH 2006 ? B HOH . 
3 1 A HOH 2018 ? B HOH . 
# 
loop_
_pdbx_refine_tls.pdbx_refine_id 
_pdbx_refine_tls.id 
_pdbx_refine_tls.details 
_pdbx_refine_tls.method 
_pdbx_refine_tls.origin_x 
_pdbx_refine_tls.origin_y 
_pdbx_refine_tls.origin_z 
_pdbx_refine_tls.T[1][1] 
_pdbx_refine_tls.T[2][2] 
_pdbx_refine_tls.T[3][3] 
_pdbx_refine_tls.T[1][2] 
_pdbx_refine_tls.T[1][3] 
_pdbx_refine_tls.T[2][3] 
_pdbx_refine_tls.L[1][1] 
_pdbx_refine_tls.L[2][2] 
_pdbx_refine_tls.L[3][3] 
_pdbx_refine_tls.L[1][2] 
_pdbx_refine_tls.L[1][3] 
_pdbx_refine_tls.L[2][3] 
_pdbx_refine_tls.S[1][1] 
_pdbx_refine_tls.S[1][2] 
_pdbx_refine_tls.S[1][3] 
_pdbx_refine_tls.S[2][1] 
_pdbx_refine_tls.S[2][2] 
_pdbx_refine_tls.S[2][3] 
_pdbx_refine_tls.S[3][1] 
_pdbx_refine_tls.S[3][2] 
_pdbx_refine_tls.S[3][3] 
'X-RAY DIFFRACTION' 1 ? refined 2.8580  2.2128  0.1117  0.0921 0.0966 0.0687 0.0170  -0.0254 -0.0333 2.5195 0.4283  14.5967 -0.5033 0.5517  -0.8728 -0.2094 0.2519  0.0343  0.0068  -0.0181 -0.1343 0.0837 0.7558  0.2275  
'X-RAY DIFFRACTION' 2 ? refined 0.6138  -2.1917 -3.3114 0.1038 0.0846 0.0415 0.0698  0.0320  -0.0057 9.7389 1.9274  8.7825  1.4248  6.8708  0.8490  -0.1019 0.0647  -0.1869 -0.1294 0.1295  -0.2752 0.3447 0.5249  -0.0277 
'X-RAY DIFFRACTION' 3 ? refined -0.2768 2.3866  -1.0443 0.1845 0.1651 0.0353 0.0184  -0.0567 0.0036  0.0471 7.8797  7.6932  0.5245  -0.4205 -2.2756 -0.0216 -0.0133 -0.0184 0.0956  -0.1323 -0.2651 0.4946 0.5263  0.1538  
'X-RAY DIFFRACTION' 4 ? refined -2.7083 -1.3359 4.0683  0.2588 0.0800 0.0526 -0.0042 -0.0361 -0.0094 4.6419 15.4053 5.7207  -4.6541 -0.4921 -4.5625 -0.2205 0.2024  -0.3240 0.2188  0.3275  0.5204  0.7310 -0.1048 -0.1070 
# 
loop_
_pdbx_refine_tls_group.pdbx_refine_id 
_pdbx_refine_tls_group.id 
_pdbx_refine_tls_group.refine_tls_id 
_pdbx_refine_tls_group.beg_auth_asym_id 
_pdbx_refine_tls_group.beg_auth_seq_id 
_pdbx_refine_tls_group.beg_label_asym_id 
_pdbx_refine_tls_group.beg_label_seq_id 
_pdbx_refine_tls_group.end_auth_asym_id 
_pdbx_refine_tls_group.end_auth_seq_id 
_pdbx_refine_tls_group.end_label_asym_id 
_pdbx_refine_tls_group.end_label_seq_id 
_pdbx_refine_tls_group.selection 
_pdbx_refine_tls_group.selection_details 
'X-RAY DIFFRACTION' 1 1 A 0  ? ? A 15 ? ? ? ? 
'X-RAY DIFFRACTION' 2 2 A 16 ? ? A 35 ? ? ? ? 
'X-RAY DIFFRACTION' 3 3 A 40 ? ? A 63 ? ? ? ? 
'X-RAY DIFFRACTION' 4 4 A 64 ? ? A 88 ? ? ? ? 
# 
loop_
_pdbx_unobs_or_zero_occ_residues.id 
_pdbx_unobs_or_zero_occ_residues.PDB_model_num 
_pdbx_unobs_or_zero_occ_residues.polymer_flag 
_pdbx_unobs_or_zero_occ_residues.occupancy_flag 
_pdbx_unobs_or_zero_occ_residues.auth_asym_id 
_pdbx_unobs_or_zero_occ_residues.auth_comp_id 
_pdbx_unobs_or_zero_occ_residues.auth_seq_id 
_pdbx_unobs_or_zero_occ_residues.PDB_ins_code 
_pdbx_unobs_or_zero_occ_residues.label_asym_id 
_pdbx_unobs_or_zero_occ_residues.label_comp_id 
_pdbx_unobs_or_zero_occ_residues.label_seq_id 
1  1 Y 1 A LYS 36  ? A LYS 37  
2  1 Y 1 A GLY 37  ? A GLY 38  
3  1 Y 1 A SER 38  ? A SER 39  
4  1 Y 1 A ASN 39  ? A ASN 40  
5  1 Y 1 A GLU 69  ? A GLU 70  
6  1 Y 1 A SER 70  ? A SER 71  
7  1 Y 1 A GLY 71  ? A GLY 72  
8  1 Y 1 A GLU 72  ? A GLU 73  
9  1 Y 1 A TYR 73  ? A TYR 74  
10 1 Y 1 A VAL 74  ? A VAL 75  
11 1 Y 1 A THR 89  ? A THR 90  
12 1 Y 1 A ASN 90  ? A ASN 91  
13 1 Y 1 A ASP 91  ? A ASP 92  
14 1 Y 1 A ASN 92  ? A ASN 93  
15 1 Y 1 A SER 93  ? A SER 94  
16 1 Y 1 A SER 94  ? A SER 95  
17 1 Y 1 A GLN 95  ? A GLN 96  
18 1 Y 1 A SER 96  ? A SER 97  
19 1 Y 1 A GLN 97  ? A GLN 98  
20 1 Y 1 A ALA 98  ? A ALA 99  
21 1 Y 1 A LYS 99  ? A LYS 100 
22 1 Y 1 A GLN 100 ? A GLN 101 
23 1 Y 1 A ASP 101 ? A ASP 102 
24 1 Y 1 A LEU 102 ? A LEU 103 
25 1 Y 1 A PHE 103 ? A PHE 104 
26 1 Y 1 A GLY 104 ? A GLY 105 
27 1 Y 1 A GLY 105 ? A GLY 106 
28 1 Y 1 A SER 106 ? A SER 107 
29 1 Y 1 A GLU 107 ? A GLU 108 
30 1 Y 1 A PRO 108 ? A PRO 109 
31 1 Y 1 A ILE 109 ? A ILE 110 
32 1 Y 1 A GLU 110 ? A GLU 111 
33 1 Y 1 A VAL 111 ? A VAL 112 
34 1 Y 1 A ASN 112 ? A ASN 113 
35 1 Y 1 A SER 113 ? A SER 114 
36 1 Y 1 A GLU 114 ? A GLU 115 
37 1 Y 1 A ASP 115 ? A ASP 116 
38 1 Y 1 A LEU 116 ? A LEU 117 
39 1 Y 1 A PRO 117 ? A PRO 118 
40 1 Y 1 A PHE 118 ? A PHE 119 
# 
loop_
_chem_comp_atom.comp_id 
_chem_comp_atom.atom_id 
_chem_comp_atom.type_symbol 
_chem_comp_atom.pdbx_aromatic_flag 
_chem_comp_atom.pdbx_stereo_config 
_chem_comp_atom.pdbx_ordinal 
ALA N    N  N N 1   
ALA CA   C  N S 2   
ALA C    C  N N 3   
ALA O    O  N N 4   
ALA CB   C  N N 5   
ALA OXT  O  N N 6   
ALA H    H  N N 7   
ALA H2   H  N N 8   
ALA HA   H  N N 9   
ALA HB1  H  N N 10  
ALA HB2  H  N N 11  
ALA HB3  H  N N 12  
ALA HXT  H  N N 13  
ARG N    N  N N 14  
ARG CA   C  N S 15  
ARG C    C  N N 16  
ARG O    O  N N 17  
ARG CB   C  N N 18  
ARG CG   C  N N 19  
ARG CD   C  N N 20  
ARG NE   N  N N 21  
ARG CZ   C  N N 22  
ARG NH1  N  N N 23  
ARG NH2  N  N N 24  
ARG OXT  O  N N 25  
ARG H    H  N N 26  
ARG H2   H  N N 27  
ARG HA   H  N N 28  
ARG HB2  H  N N 29  
ARG HB3  H  N N 30  
ARG HG2  H  N N 31  
ARG HG3  H  N N 32  
ARG HD2  H  N N 33  
ARG HD3  H  N N 34  
ARG HE   H  N N 35  
ARG HH11 H  N N 36  
ARG HH12 H  N N 37  
ARG HH21 H  N N 38  
ARG HH22 H  N N 39  
ARG HXT  H  N N 40  
ASN N    N  N N 41  
ASN CA   C  N S 42  
ASN C    C  N N 43  
ASN O    O  N N 44  
ASN CB   C  N N 45  
ASN CG   C  N N 46  
ASN OD1  O  N N 47  
ASN ND2  N  N N 48  
ASN OXT  O  N N 49  
ASN H    H  N N 50  
ASN H2   H  N N 51  
ASN HA   H  N N 52  
ASN HB2  H  N N 53  
ASN HB3  H  N N 54  
ASN HD21 H  N N 55  
ASN HD22 H  N N 56  
ASN HXT  H  N N 57  
ASP N    N  N N 58  
ASP CA   C  N S 59  
ASP C    C  N N 60  
ASP O    O  N N 61  
ASP CB   C  N N 62  
ASP CG   C  N N 63  
ASP OD1  O  N N 64  
ASP OD2  O  N N 65  
ASP OXT  O  N N 66  
ASP H    H  N N 67  
ASP H2   H  N N 68  
ASP HA   H  N N 69  
ASP HB2  H  N N 70  
ASP HB3  H  N N 71  
ASP HD2  H  N N 72  
ASP HXT  H  N N 73  
GLN N    N  N N 74  
GLN CA   C  N S 75  
GLN C    C  N N 76  
GLN O    O  N N 77  
GLN CB   C  N N 78  
GLN CG   C  N N 79  
GLN CD   C  N N 80  
GLN OE1  O  N N 81  
GLN NE2  N  N N 82  
GLN OXT  O  N N 83  
GLN H    H  N N 84  
GLN H2   H  N N 85  
GLN HA   H  N N 86  
GLN HB2  H  N N 87  
GLN HB3  H  N N 88  
GLN HG2  H  N N 89  
GLN HG3  H  N N 90  
GLN HE21 H  N N 91  
GLN HE22 H  N N 92  
GLN HXT  H  N N 93  
GLU N    N  N N 94  
GLU CA   C  N S 95  
GLU C    C  N N 96  
GLU O    O  N N 97  
GLU CB   C  N N 98  
GLU CG   C  N N 99  
GLU CD   C  N N 100 
GLU OE1  O  N N 101 
GLU OE2  O  N N 102 
GLU OXT  O  N N 103 
GLU H    H  N N 104 
GLU H2   H  N N 105 
GLU HA   H  N N 106 
GLU HB2  H  N N 107 
GLU HB3  H  N N 108 
GLU HG2  H  N N 109 
GLU HG3  H  N N 110 
GLU HE2  H  N N 111 
GLU HXT  H  N N 112 
GLY N    N  N N 113 
GLY CA   C  N N 114 
GLY C    C  N N 115 
GLY O    O  N N 116 
GLY OXT  O  N N 117 
GLY H    H  N N 118 
GLY H2   H  N N 119 
GLY HA2  H  N N 120 
GLY HA3  H  N N 121 
GLY HXT  H  N N 122 
HOH O    O  N N 123 
HOH H1   H  N N 124 
HOH H2   H  N N 125 
ILE N    N  N N 126 
ILE CA   C  N S 127 
ILE C    C  N N 128 
ILE O    O  N N 129 
ILE CB   C  N S 130 
ILE CG1  C  N N 131 
ILE CG2  C  N N 132 
ILE CD1  C  N N 133 
ILE OXT  O  N N 134 
ILE H    H  N N 135 
ILE H2   H  N N 136 
ILE HA   H  N N 137 
ILE HB   H  N N 138 
ILE HG12 H  N N 139 
ILE HG13 H  N N 140 
ILE HG21 H  N N 141 
ILE HG22 H  N N 142 
ILE HG23 H  N N 143 
ILE HD11 H  N N 144 
ILE HD12 H  N N 145 
ILE HD13 H  N N 146 
ILE HXT  H  N N 147 
LEU N    N  N N 148 
LEU CA   C  N S 149 
LEU C    C  N N 150 
LEU O    O  N N 151 
LEU CB   C  N N 152 
LEU CG   C  N N 153 
LEU CD1  C  N N 154 
LEU CD2  C  N N 155 
LEU OXT  O  N N 156 
LEU H    H  N N 157 
LEU H2   H  N N 158 
LEU HA   H  N N 159 
LEU HB2  H  N N 160 
LEU HB3  H  N N 161 
LEU HG   H  N N 162 
LEU HD11 H  N N 163 
LEU HD12 H  N N 164 
LEU HD13 H  N N 165 
LEU HD21 H  N N 166 
LEU HD22 H  N N 167 
LEU HD23 H  N N 168 
LEU HXT  H  N N 169 
LYS N    N  N N 170 
LYS CA   C  N S 171 
LYS C    C  N N 172 
LYS O    O  N N 173 
LYS CB   C  N N 174 
LYS CG   C  N N 175 
LYS CD   C  N N 176 
LYS CE   C  N N 177 
LYS NZ   N  N N 178 
LYS OXT  O  N N 179 
LYS H    H  N N 180 
LYS H2   H  N N 181 
LYS HA   H  N N 182 
LYS HB2  H  N N 183 
LYS HB3  H  N N 184 
LYS HG2  H  N N 185 
LYS HG3  H  N N 186 
LYS HD2  H  N N 187 
LYS HD3  H  N N 188 
LYS HE2  H  N N 189 
LYS HE3  H  N N 190 
LYS HZ1  H  N N 191 
LYS HZ2  H  N N 192 
LYS HZ3  H  N N 193 
LYS HXT  H  N N 194 
MSE N    N  N N 195 
MSE CA   C  N S 196 
MSE C    C  N N 197 
MSE O    O  N N 198 
MSE OXT  O  N N 199 
MSE CB   C  N N 200 
MSE CG   C  N N 201 
MSE SE   SE N N 202 
MSE CE   C  N N 203 
MSE H    H  N N 204 
MSE H2   H  N N 205 
MSE HA   H  N N 206 
MSE HXT  H  N N 207 
MSE HB2  H  N N 208 
MSE HB3  H  N N 209 
MSE HG2  H  N N 210 
MSE HG3  H  N N 211 
MSE HE1  H  N N 212 
MSE HE2  H  N N 213 
MSE HE3  H  N N 214 
PHE N    N  N N 215 
PHE CA   C  N S 216 
PHE C    C  N N 217 
PHE O    O  N N 218 
PHE CB   C  N N 219 
PHE CG   C  Y N 220 
PHE CD1  C  Y N 221 
PHE CD2  C  Y N 222 
PHE CE1  C  Y N 223 
PHE CE2  C  Y N 224 
PHE CZ   C  Y N 225 
PHE OXT  O  N N 226 
PHE H    H  N N 227 
PHE H2   H  N N 228 
PHE HA   H  N N 229 
PHE HB2  H  N N 230 
PHE HB3  H  N N 231 
PHE HD1  H  N N 232 
PHE HD2  H  N N 233 
PHE HE1  H  N N 234 
PHE HE2  H  N N 235 
PHE HZ   H  N N 236 
PHE HXT  H  N N 237 
PRO N    N  N N 238 
PRO CA   C  N S 239 
PRO C    C  N N 240 
PRO O    O  N N 241 
PRO CB   C  N N 242 
PRO CG   C  N N 243 
PRO CD   C  N N 244 
PRO OXT  O  N N 245 
PRO H    H  N N 246 
PRO HA   H  N N 247 
PRO HB2  H  N N 248 
PRO HB3  H  N N 249 
PRO HG2  H  N N 250 
PRO HG3  H  N N 251 
PRO HD2  H  N N 252 
PRO HD3  H  N N 253 
PRO HXT  H  N N 254 
SER N    N  N N 255 
SER CA   C  N S 256 
SER C    C  N N 257 
SER O    O  N N 258 
SER CB   C  N N 259 
SER OG   O  N N 260 
SER OXT  O  N N 261 
SER H    H  N N 262 
SER H2   H  N N 263 
SER HA   H  N N 264 
SER HB2  H  N N 265 
SER HB3  H  N N 266 
SER HG   H  N N 267 
SER HXT  H  N N 268 
THR N    N  N N 269 
THR CA   C  N S 270 
THR C    C  N N 271 
THR O    O  N N 272 
THR CB   C  N R 273 
THR OG1  O  N N 274 
THR CG2  C  N N 275 
THR OXT  O  N N 276 
THR H    H  N N 277 
THR H2   H  N N 278 
THR HA   H  N N 279 
THR HB   H  N N 280 
THR HG1  H  N N 281 
THR HG21 H  N N 282 
THR HG22 H  N N 283 
THR HG23 H  N N 284 
THR HXT  H  N N 285 
TYR N    N  N N 286 
TYR CA   C  N S 287 
TYR C    C  N N 288 
TYR O    O  N N 289 
TYR CB   C  N N 290 
TYR CG   C  Y N 291 
TYR CD1  C  Y N 292 
TYR CD2  C  Y N 293 
TYR CE1  C  Y N 294 
TYR CE2  C  Y N 295 
TYR CZ   C  Y N 296 
TYR OH   O  N N 297 
TYR OXT  O  N N 298 
TYR H    H  N N 299 
TYR H2   H  N N 300 
TYR HA   H  N N 301 
TYR HB2  H  N N 302 
TYR HB3  H  N N 303 
TYR HD1  H  N N 304 
TYR HD2  H  N N 305 
TYR HE1  H  N N 306 
TYR HE2  H  N N 307 
TYR HH   H  N N 308 
TYR HXT  H  N N 309 
VAL N    N  N N 310 
VAL CA   C  N S 311 
VAL C    C  N N 312 
VAL O    O  N N 313 
VAL CB   C  N N 314 
VAL CG1  C  N N 315 
VAL CG2  C  N N 316 
VAL OXT  O  N N 317 
VAL H    H  N N 318 
VAL H2   H  N N 319 
VAL HA   H  N N 320 
VAL HB   H  N N 321 
VAL HG11 H  N N 322 
VAL HG12 H  N N 323 
VAL HG13 H  N N 324 
VAL HG21 H  N N 325 
VAL HG22 H  N N 326 
VAL HG23 H  N N 327 
VAL HXT  H  N N 328 
# 
loop_
_chem_comp_bond.comp_id 
_chem_comp_bond.atom_id_1 
_chem_comp_bond.atom_id_2 
_chem_comp_bond.value_order 
_chem_comp_bond.pdbx_aromatic_flag 
_chem_comp_bond.pdbx_stereo_config 
_chem_comp_bond.pdbx_ordinal 
ALA N   CA   sing N N 1   
ALA N   H    sing N N 2   
ALA N   H2   sing N N 3   
ALA CA  C    sing N N 4   
ALA CA  CB   sing N N 5   
ALA CA  HA   sing N N 6   
ALA C   O    doub N N 7   
ALA C   OXT  sing N N 8   
ALA CB  HB1  sing N N 9   
ALA CB  HB2  sing N N 10  
ALA CB  HB3  sing N N 11  
ALA OXT HXT  sing N N 12  
ARG N   CA   sing N N 13  
ARG N   H    sing N N 14  
ARG N   H2   sing N N 15  
ARG CA  C    sing N N 16  
ARG CA  CB   sing N N 17  
ARG CA  HA   sing N N 18  
ARG C   O    doub N N 19  
ARG C   OXT  sing N N 20  
ARG CB  CG   sing N N 21  
ARG CB  HB2  sing N N 22  
ARG CB  HB3  sing N N 23  
ARG CG  CD   sing N N 24  
ARG CG  HG2  sing N N 25  
ARG CG  HG3  sing N N 26  
ARG CD  NE   sing N N 27  
ARG CD  HD2  sing N N 28  
ARG CD  HD3  sing N N 29  
ARG NE  CZ   sing N N 30  
ARG NE  HE   sing N N 31  
ARG CZ  NH1  sing N N 32  
ARG CZ  NH2  doub N N 33  
ARG NH1 HH11 sing N N 34  
ARG NH1 HH12 sing N N 35  
ARG NH2 HH21 sing N N 36  
ARG NH2 HH22 sing N N 37  
ARG OXT HXT  sing N N 38  
ASN N   CA   sing N N 39  
ASN N   H    sing N N 40  
ASN N   H2   sing N N 41  
ASN CA  C    sing N N 42  
ASN CA  CB   sing N N 43  
ASN CA  HA   sing N N 44  
ASN C   O    doub N N 45  
ASN C   OXT  sing N N 46  
ASN CB  CG   sing N N 47  
ASN CB  HB2  sing N N 48  
ASN CB  HB3  sing N N 49  
ASN CG  OD1  doub N N 50  
ASN CG  ND2  sing N N 51  
ASN ND2 HD21 sing N N 52  
ASN ND2 HD22 sing N N 53  
ASN OXT HXT  sing N N 54  
ASP N   CA   sing N N 55  
ASP N   H    sing N N 56  
ASP N   H2   sing N N 57  
ASP CA  C    sing N N 58  
ASP CA  CB   sing N N 59  
ASP CA  HA   sing N N 60  
ASP C   O    doub N N 61  
ASP C   OXT  sing N N 62  
ASP CB  CG   sing N N 63  
ASP CB  HB2  sing N N 64  
ASP CB  HB3  sing N N 65  
ASP CG  OD1  doub N N 66  
ASP CG  OD2  sing N N 67  
ASP OD2 HD2  sing N N 68  
ASP OXT HXT  sing N N 69  
GLN N   CA   sing N N 70  
GLN N   H    sing N N 71  
GLN N   H2   sing N N 72  
GLN CA  C    sing N N 73  
GLN CA  CB   sing N N 74  
GLN CA  HA   sing N N 75  
GLN C   O    doub N N 76  
GLN C   OXT  sing N N 77  
GLN CB  CG   sing N N 78  
GLN CB  HB2  sing N N 79  
GLN CB  HB3  sing N N 80  
GLN CG  CD   sing N N 81  
GLN CG  HG2  sing N N 82  
GLN CG  HG3  sing N N 83  
GLN CD  OE1  doub N N 84  
GLN CD  NE2  sing N N 85  
GLN NE2 HE21 sing N N 86  
GLN NE2 HE22 sing N N 87  
GLN OXT HXT  sing N N 88  
GLU N   CA   sing N N 89  
GLU N   H    sing N N 90  
GLU N   H2   sing N N 91  
GLU CA  C    sing N N 92  
GLU CA  CB   sing N N 93  
GLU CA  HA   sing N N 94  
GLU C   O    doub N N 95  
GLU C   OXT  sing N N 96  
GLU CB  CG   sing N N 97  
GLU CB  HB2  sing N N 98  
GLU CB  HB3  sing N N 99  
GLU CG  CD   sing N N 100 
GLU CG  HG2  sing N N 101 
GLU CG  HG3  sing N N 102 
GLU CD  OE1  doub N N 103 
GLU CD  OE2  sing N N 104 
GLU OE2 HE2  sing N N 105 
GLU OXT HXT  sing N N 106 
GLY N   CA   sing N N 107 
GLY N   H    sing N N 108 
GLY N   H2   sing N N 109 
GLY CA  C    sing N N 110 
GLY CA  HA2  sing N N 111 
GLY CA  HA3  sing N N 112 
GLY C   O    doub N N 113 
GLY C   OXT  sing N N 114 
GLY OXT HXT  sing N N 115 
HOH O   H1   sing N N 116 
HOH O   H2   sing N N 117 
ILE N   CA   sing N N 118 
ILE N   H    sing N N 119 
ILE N   H2   sing N N 120 
ILE CA  C    sing N N 121 
ILE CA  CB   sing N N 122 
ILE CA  HA   sing N N 123 
ILE C   O    doub N N 124 
ILE C   OXT  sing N N 125 
ILE CB  CG1  sing N N 126 
ILE CB  CG2  sing N N 127 
ILE CB  HB   sing N N 128 
ILE CG1 CD1  sing N N 129 
ILE CG1 HG12 sing N N 130 
ILE CG1 HG13 sing N N 131 
ILE CG2 HG21 sing N N 132 
ILE CG2 HG22 sing N N 133 
ILE CG2 HG23 sing N N 134 
ILE CD1 HD11 sing N N 135 
ILE CD1 HD12 sing N N 136 
ILE CD1 HD13 sing N N 137 
ILE OXT HXT  sing N N 138 
LEU N   CA   sing N N 139 
LEU N   H    sing N N 140 
LEU N   H2   sing N N 141 
LEU CA  C    sing N N 142 
LEU CA  CB   sing N N 143 
LEU CA  HA   sing N N 144 
LEU C   O    doub N N 145 
LEU C   OXT  sing N N 146 
LEU CB  CG   sing N N 147 
LEU CB  HB2  sing N N 148 
LEU CB  HB3  sing N N 149 
LEU CG  CD1  sing N N 150 
LEU CG  CD2  sing N N 151 
LEU CG  HG   sing N N 152 
LEU CD1 HD11 sing N N 153 
LEU CD1 HD12 sing N N 154 
LEU CD1 HD13 sing N N 155 
LEU CD2 HD21 sing N N 156 
LEU CD2 HD22 sing N N 157 
LEU CD2 HD23 sing N N 158 
LEU OXT HXT  sing N N 159 
LYS N   CA   sing N N 160 
LYS N   H    sing N N 161 
LYS N   H2   sing N N 162 
LYS CA  C    sing N N 163 
LYS CA  CB   sing N N 164 
LYS CA  HA   sing N N 165 
LYS C   O    doub N N 166 
LYS C   OXT  sing N N 167 
LYS CB  CG   sing N N 168 
LYS CB  HB2  sing N N 169 
LYS CB  HB3  sing N N 170 
LYS CG  CD   sing N N 171 
LYS CG  HG2  sing N N 172 
LYS CG  HG3  sing N N 173 
LYS CD  CE   sing N N 174 
LYS CD  HD2  sing N N 175 
LYS CD  HD3  sing N N 176 
LYS CE  NZ   sing N N 177 
LYS CE  HE2  sing N N 178 
LYS CE  HE3  sing N N 179 
LYS NZ  HZ1  sing N N 180 
LYS NZ  HZ2  sing N N 181 
LYS NZ  HZ3  sing N N 182 
LYS OXT HXT  sing N N 183 
MSE N   CA   sing N N 184 
MSE N   H    sing N N 185 
MSE N   H2   sing N N 186 
MSE CA  C    sing N N 187 
MSE CA  CB   sing N N 188 
MSE CA  HA   sing N N 189 
MSE C   O    doub N N 190 
MSE C   OXT  sing N N 191 
MSE OXT HXT  sing N N 192 
MSE CB  CG   sing N N 193 
MSE CB  HB2  sing N N 194 
MSE CB  HB3  sing N N 195 
MSE CG  SE   sing N N 196 
MSE CG  HG2  sing N N 197 
MSE CG  HG3  sing N N 198 
MSE SE  CE   sing N N 199 
MSE CE  HE1  sing N N 200 
MSE CE  HE2  sing N N 201 
MSE CE  HE3  sing N N 202 
PHE N   CA   sing N N 203 
PHE N   H    sing N N 204 
PHE N   H2   sing N N 205 
PHE CA  C    sing N N 206 
PHE CA  CB   sing N N 207 
PHE CA  HA   sing N N 208 
PHE C   O    doub N N 209 
PHE C   OXT  sing N N 210 
PHE CB  CG   sing N N 211 
PHE CB  HB2  sing N N 212 
PHE CB  HB3  sing N N 213 
PHE CG  CD1  doub Y N 214 
PHE CG  CD2  sing Y N 215 
PHE CD1 CE1  sing Y N 216 
PHE CD1 HD1  sing N N 217 
PHE CD2 CE2  doub Y N 218 
PHE CD2 HD2  sing N N 219 
PHE CE1 CZ   doub Y N 220 
PHE CE1 HE1  sing N N 221 
PHE CE2 CZ   sing Y N 222 
PHE CE2 HE2  sing N N 223 
PHE CZ  HZ   sing N N 224 
PHE OXT HXT  sing N N 225 
PRO N   CA   sing N N 226 
PRO N   CD   sing N N 227 
PRO N   H    sing N N 228 
PRO CA  C    sing N N 229 
PRO CA  CB   sing N N 230 
PRO CA  HA   sing N N 231 
PRO C   O    doub N N 232 
PRO C   OXT  sing N N 233 
PRO CB  CG   sing N N 234 
PRO CB  HB2  sing N N 235 
PRO CB  HB3  sing N N 236 
PRO CG  CD   sing N N 237 
PRO CG  HG2  sing N N 238 
PRO CG  HG3  sing N N 239 
PRO CD  HD2  sing N N 240 
PRO CD  HD3  sing N N 241 
PRO OXT HXT  sing N N 242 
SER N   CA   sing N N 243 
SER N   H    sing N N 244 
SER N   H2   sing N N 245 
SER CA  C    sing N N 246 
SER CA  CB   sing N N 247 
SER CA  HA   sing N N 248 
SER C   O    doub N N 249 
SER C   OXT  sing N N 250 
SER CB  OG   sing N N 251 
SER CB  HB2  sing N N 252 
SER CB  HB3  sing N N 253 
SER OG  HG   sing N N 254 
SER OXT HXT  sing N N 255 
THR N   CA   sing N N 256 
THR N   H    sing N N 257 
THR N   H2   sing N N 258 
THR CA  C    sing N N 259 
THR CA  CB   sing N N 260 
THR CA  HA   sing N N 261 
THR C   O    doub N N 262 
THR C   OXT  sing N N 263 
THR CB  OG1  sing N N 264 
THR CB  CG2  sing N N 265 
THR CB  HB   sing N N 266 
THR OG1 HG1  sing N N 267 
THR CG2 HG21 sing N N 268 
THR CG2 HG22 sing N N 269 
THR CG2 HG23 sing N N 270 
THR OXT HXT  sing N N 271 
TYR N   CA   sing N N 272 
TYR N   H    sing N N 273 
TYR N   H2   sing N N 274 
TYR CA  C    sing N N 275 
TYR CA  CB   sing N N 276 
TYR CA  HA   sing N N 277 
TYR C   O    doub N N 278 
TYR C   OXT  sing N N 279 
TYR CB  CG   sing N N 280 
TYR CB  HB2  sing N N 281 
TYR CB  HB3  sing N N 282 
TYR CG  CD1  doub Y N 283 
TYR CG  CD2  sing Y N 284 
TYR CD1 CE1  sing Y N 285 
TYR CD1 HD1  sing N N 286 
TYR CD2 CE2  doub Y N 287 
TYR CD2 HD2  sing N N 288 
TYR CE1 CZ   doub Y N 289 
TYR CE1 HE1  sing N N 290 
TYR CE2 CZ   sing Y N 291 
TYR CE2 HE2  sing N N 292 
TYR CZ  OH   sing N N 293 
TYR OH  HH   sing N N 294 
TYR OXT HXT  sing N N 295 
VAL N   CA   sing N N 296 
VAL N   H    sing N N 297 
VAL N   H2   sing N N 298 
VAL CA  C    sing N N 299 
VAL CA  CB   sing N N 300 
VAL CA  HA   sing N N 301 
VAL C   O    doub N N 302 
VAL C   OXT  sing N N 303 
VAL CB  CG1  sing N N 304 
VAL CB  CG2  sing N N 305 
VAL CB  HB   sing N N 306 
VAL CG1 HG11 sing N N 307 
VAL CG1 HG12 sing N N 308 
VAL CG1 HG13 sing N N 309 
VAL CG2 HG21 sing N N 310 
VAL CG2 HG22 sing N N 311 
VAL CG2 HG23 sing N N 312 
VAL OXT HXT  sing N N 313 
# 
_atom_sites.entry_id                    2WKD 
_atom_sites.fract_transf_matrix[1][1]   0.00122844 
_atom_sites.fract_transf_matrix[1][2]   -0.01288095 
_atom_sites.fract_transf_matrix[1][3]   -0.00806234 
_atom_sites.fract_transf_matrix[2][1]   0.01357729 
_atom_sites.fract_transf_matrix[2][2]   -0.00676108 
_atom_sites.fract_transf_matrix[2][3]   -0.00154450 
_atom_sites.fract_transf_matrix[3][1]   -0.00195319 
_atom_sites.fract_transf_matrix[3][2]   -0.00606952 
_atom_sites.fract_transf_matrix[3][3]   0.00939948 
_atom_sites.fract_transf_vector[1]      0.704300 
_atom_sites.fract_transf_vector[2]      0.597295 
_atom_sites.fract_transf_vector[3]      -0.112795 
# 
loop_
_atom_type.symbol 
C  
N  
O  
SE 
# 
loop_
_atom_site.group_PDB 
_atom_site.id 
_atom_site.type_symbol 
_atom_site.label_atom_id 
_atom_site.label_alt_id 
_atom_site.label_comp_id 
_atom_site.label_asym_id 
_atom_site.label_entity_id 
_atom_site.label_seq_id 
_atom_site.pdbx_PDB_ins_code 
_atom_site.Cartn_x 
_atom_site.Cartn_y 
_atom_site.Cartn_z 
_atom_site.occupancy 
_atom_site.B_iso_or_equiv 
_atom_site.pdbx_formal_charge 
_atom_site.auth_seq_id 
_atom_site.auth_comp_id 
_atom_site.auth_asym_id 
_atom_site.auth_atom_id 
_atom_site.pdbx_PDB_model_num 
ATOM   1   N  N   . GLY A 1 1  ? -3.072  -7.395  18.842  1.00 35.27 ? 0    GLY A N   1 
ATOM   2   C  CA  . GLY A 1 1  ? -2.905  -7.477  17.375  1.00 33.18 ? 0    GLY A CA  1 
ATOM   3   C  C   . GLY A 1 1  ? -1.769  -6.589  16.903  1.00 34.36 ? 0    GLY A C   1 
ATOM   4   O  O   . GLY A 1 1  ? -1.187  -5.836  17.695  1.00 34.06 ? 0    GLY A O   1 
ATOM   5   N  N   . THR A 1 2  ? -1.454  -6.692  15.613  1.00 33.50 ? 1    THR A N   1 
ATOM   6   C  CA  . THR A 1 2  ? -0.407  -5.891  14.982  1.00 35.85 ? 1    THR A CA  1 
ATOM   7   C  C   . THR A 1 2  ? -0.965  -5.061  13.829  1.00 35.48 ? 1    THR A C   1 
ATOM   8   O  O   . THR A 1 2  ? -1.700  -5.576  12.967  1.00 33.56 ? 1    THR A O   1 
ATOM   9   C  CB  . THR A 1 2  ? 0.795   -6.747  14.520  1.00 35.30 ? 1    THR A CB  1 
ATOM   10  O  OG1 . THR A 1 2  ? 1.374   -7.393  15.659  1.00 42.02 ? 1    THR A OG1 1 
ATOM   11  C  CG2 . THR A 1 2  ? 1.871   -5.877  13.865  1.00 38.62 ? 1    THR A CG2 1 
ATOM   12  N  N   . ILE A 1 3  ? -0.628  -3.770  13.855  1.00 34.17 ? 2    ILE A N   1 
ATOM   13  C  CA  . ILE A 1 3  ? -1.057  -2.804  12.839  1.00 36.54 ? 2    ILE A CA  1 
ATOM   14  C  C   . ILE A 1 3  ? 0.212   -2.210  12.251  1.00 35.88 ? 2    ILE A C   1 
ATOM   15  O  O   . ILE A 1 3  ? 1.098   -1.771  12.988  1.00 38.11 ? 2    ILE A O   1 
ATOM   16  C  CB  . ILE A 1 3  ? -1.937  -1.663  13.450  1.00 36.26 ? 2    ILE A CB  1 
ATOM   17  C  CG1 . ILE A 1 3  ? -3.178  -2.225  14.150  1.00 36.83 ? 2    ILE A CG1 1 
ATOM   18  C  CG2 . ILE A 1 3  ? -2.338  -0.612  12.388  1.00 38.59 ? 2    ILE A CG2 1 
ATOM   19  C  CD1 . ILE A 1 3  ? -4.174  -2.930  13.234  1.00 47.09 ? 2    ILE A CD1 1 
ATOM   20  N  N   . ILE A 1 4  ? 0.329   -2.249  10.928  1.00 33.04 ? 3    ILE A N   1 
ATOM   21  C  CA  . ILE A 1 4  ? 1.449   -1.603  10.248  1.00 32.73 ? 3    ILE A CA  1 
ATOM   22  C  C   . ILE A 1 4  ? 0.882   -0.386  9.533   1.00 35.03 ? 3    ILE A C   1 
ATOM   23  O  O   . ILE A 1 4  ? -0.167  -0.480  8.849   1.00 34.16 ? 3    ILE A O   1 
ATOM   24  C  CB  . ILE A 1 4  ? 2.187   -2.558  9.266   1.00 34.05 ? 3    ILE A CB  1 
ATOM   25  C  CG1 . ILE A 1 4  ? 2.682   -3.807  10.021  1.00 33.45 ? 3    ILE A CG1 1 
ATOM   26  C  CG2 . ILE A 1 4  ? 3.338   -1.847  8.579   1.00 33.38 ? 3    ILE A CG2 1 
ATOM   27  C  CD1 . ILE A 1 4  ? 3.644   -4.710  9.234   1.00 33.33 ? 3    ILE A CD1 1 
ATOM   28  N  N   . THR A 1 5  ? 1.555   0.750   9.732   1.00 32.08 ? 4    THR A N   1 
ATOM   29  C  CA  . THR A 1 5  ? 1.136   2.035   9.162   1.00 33.73 ? 4    THR A CA  1 
ATOM   30  C  C   . THR A 1 5  ? 2.255   2.626   8.318   1.00 32.57 ? 4    THR A C   1 
ATOM   31  O  O   . THR A 1 5  ? 3.295   2.988   8.849   1.00 35.30 ? 4    THR A O   1 
ATOM   32  C  CB  . THR A 1 5  ? 0.752   3.068   10.265  1.00 30.26 ? 4    THR A CB  1 
ATOM   33  O  OG1 . THR A 1 5  ? -0.221  2.499   11.147  1.00 30.16 ? 4    THR A OG1 1 
ATOM   34  C  CG2 . THR A 1 5  ? 0.158   4.335   9.627   1.00 33.12 ? 4    THR A CG2 1 
ATOM   35  N  N   . VAL A 1 6  ? 2.031   2.749   7.010   1.00 35.42 ? 5    VAL A N   1 
ATOM   36  C  CA  . VAL A 1 6  ? 3.053   3.314   6.121   1.00 37.70 ? 5    VAL A CA  1 
ATOM   37  C  C   . VAL A 1 6  ? 2.541   4.563   5.413   1.00 38.22 ? 5    VAL A C   1 
ATOM   38  O  O   . VAL A 1 6  ? 1.403   4.603   4.957   1.00 39.44 ? 5    VAL A O   1 
ATOM   39  C  CB  . VAL A 1 6  ? 3.572   2.281   5.067   1.00 40.16 ? 5    VAL A CB  1 
ATOM   40  C  CG1 . VAL A 1 6  ? 4.878   2.795   4.394   1.00 41.04 ? 5    VAL A CG1 1 
ATOM   41  C  CG2 . VAL A 1 6  ? 3.840   0.937   5.705   1.00 39.82 ? 5    VAL A CG2 1 
ATOM   42  N  N   . THR A 1 7  ? 3.383   5.587   5.361   1.00 38.89 ? 6    THR A N   1 
ATOM   43  C  CA  . THR A 1 7  ? 3.104   6.799   4.605   1.00 37.21 ? 6    THR A CA  1 
ATOM   44  C  C   . THR A 1 7  ? 4.079   6.825   3.438   1.00 37.08 ? 6    THR A C   1 
ATOM   45  O  O   . THR A 1 7  ? 5.288   6.684   3.619   1.00 33.67 ? 6    THR A O   1 
ATOM   46  C  CB  . THR A 1 7  ? 3.246   8.060   5.498   1.00 39.27 ? 6    THR A CB  1 
ATOM   47  O  OG1 . THR A 1 7  ? 2.377   7.919   6.623   1.00 38.19 ? 6    THR A OG1 1 
ATOM   48  C  CG2 . THR A 1 7  ? 2.879   9.345   4.737   1.00 36.10 ? 6    THR A CG2 1 
ATOM   49  N  N   . ALA A 1 8  ? 3.543   6.976   2.234   1.00 36.12 ? 7    ALA A N   1 
ATOM   50  C  CA  . ALA A 1 8  ? 4.358   6.886   1.030   1.00 36.52 ? 7    ALA A CA  1 
ATOM   51  C  C   . ALA A 1 8  ? 3.661   7.596   -0.133  1.00 36.78 ? 7    ALA A C   1 
ATOM   52  O  O   . ALA A 1 8  ? 2.435   7.767   -0.115  1.00 36.06 ? 7    ALA A O   1 
ATOM   53  C  CB  . ALA A 1 8  ? 4.604   5.420   0.681   1.00 36.82 ? 7    ALA A CB  1 
ATOM   54  N  N   . GLN A 1 9  ? 4.439   8.004   -1.134  1.00 34.79 ? 8    GLN A N   1 
ATOM   55  C  CA  . GLN A 1 9  ? 3.871   8.561   -2.352  1.00 35.36 ? 8    GLN A CA  1 
ATOM   56  C  C   . GLN A 1 9  ? 3.548   7.428   -3.318  1.00 34.99 ? 8    GLN A C   1 
ATOM   57  O  O   . GLN A 1 9  ? 4.371   6.544   -3.540  1.00 36.27 ? 8    GLN A O   1 
ATOM   58  C  CB  . GLN A 1 9  ? 4.817   9.567   -3.011  1.00 34.83 ? 8    GLN A CB  1 
ATOM   59  C  CG  . GLN A 1 9  ? 4.180   10.264  -4.234  1.00 37.15 ? 8    GLN A CG  1 
ATOM   60  C  CD  . GLN A 1 9  ? 5.061   11.328  -4.858  1.00 40.53 ? 8    GLN A CD  1 
ATOM   61  O  OE1 . GLN A 1 9  ? 6.282   11.272  -4.780  1.00 46.22 ? 8    GLN A OE1 1 
ATOM   62  N  NE2 . GLN A 1 9  ? 4.435   12.307  -5.487  1.00 47.81 ? 8    GLN A NE2 1 
ATOM   63  N  N   . ALA A 1 10 ? 2.341   7.443   -3.866  1.00 35.93 ? 9    ALA A N   1 
ATOM   64  C  CA  . ALA A 1 10 ? 1.957   6.465   -4.884  1.00 36.80 ? 9    ALA A CA  1 
ATOM   65  C  C   . ALA A 1 10 ? 2.518   6.904   -6.231  1.00 35.92 ? 9    ALA A C   1 
ATOM   66  O  O   . ALA A 1 10 ? 2.097   7.915   -6.799  1.00 39.56 ? 9    ALA A O   1 
ATOM   67  C  CB  . ALA A 1 10 ? 0.446   6.319   -4.945  1.00 36.20 ? 9    ALA A CB  1 
ATOM   68  N  N   . ASN A 1 11 ? 3.503   6.173   -6.730  1.00 35.10 ? 10   ASN A N   1 
ATOM   69  C  CA  . ASN A 1 11 ? 4.148   6.571   -7.973  1.00 36.79 ? 10   ASN A CA  1 
ATOM   70  C  C   . ASN A 1 11 ? 4.497   5.382   -8.851  1.00 37.98 ? 10   ASN A C   1 
ATOM   71  O  O   . ASN A 1 11 ? 4.153   4.237   -8.548  1.00 36.21 ? 10   ASN A O   1 
ATOM   72  C  CB  . ASN A 1 11 ? 5.364   7.488   -7.721  1.00 35.65 ? 10   ASN A CB  1 
ATOM   73  C  CG  . ASN A 1 11 ? 6.446   6.821   -6.876  1.00 39.59 ? 10   ASN A CG  1 
ATOM   74  O  OD1 . ASN A 1 11 ? 6.815   5.668   -7.097  1.00 41.56 ? 10   ASN A OD1 1 
ATOM   75  N  ND2 . ASN A 1 11 ? 6.960   7.558   -5.905  1.00 44.10 ? 10   ASN A ND2 1 
ATOM   76  N  N   . GLU A 1 12 ? 5.167   5.668   -9.954  1.00 38.97 ? 11   GLU A N   1 
ATOM   77  C  CA  . GLU A 1 12 ? 5.452   4.665   -10.969 1.00 42.84 ? 11   GLU A CA  1 
ATOM   78  C  C   . GLU A 1 12 ? 6.349   3.537   -10.420 1.00 43.10 ? 11   GLU A C   1 
ATOM   79  O  O   . GLU A 1 12 ? 6.284   2.405   -10.890 1.00 43.47 ? 11   GLU A O   1 
ATOM   80  C  CB  . GLU A 1 12 ? 6.056   5.348   -12.211 1.00 43.40 ? 11   GLU A CB  1 
ATOM   81  C  CG  . GLU A 1 12 ? 5.026   6.124   -13.109 1.00 48.09 ? 11   GLU A CG  1 
ATOM   82  C  CD  . GLU A 1 12 ? 4.518   7.497   -12.555 1.00 55.24 ? 11   GLU A CD  1 
ATOM   83  O  OE1 . GLU A 1 12 ? 4.797   7.877   -11.380 1.00 53.54 ? 11   GLU A OE1 1 
ATOM   84  O  OE2 . GLU A 1 12 ? 3.816   8.204   -13.322 1.00 46.62 ? 11   GLU A OE2 1 
ATOM   85  N  N   . LYS A 1 13 ? 7.147   3.850   -9.402  1.00 43.14 ? 12   LYS A N   1 
ATOM   86  C  CA  . LYS A 1 13 ? 8.049   2.880   -8.767  1.00 44.55 ? 12   LYS A CA  1 
ATOM   87  C  C   . LYS A 1 13 ? 7.377   1.884   -7.825  1.00 42.38 ? 12   LYS A C   1 
ATOM   88  O  O   . LYS A 1 13 ? 7.890   0.791   -7.618  1.00 44.86 ? 12   LYS A O   1 
ATOM   89  C  CB  . LYS A 1 13 ? 9.169   3.601   -8.003  1.00 44.89 ? 12   LYS A CB  1 
ATOM   90  C  CG  . LYS A 1 13 ? 10.101  4.421   -8.901  1.00 51.30 ? 12   LYS A CG  1 
ATOM   91  C  CD  . LYS A 1 13 ? 10.964  5.384   -8.092  1.00 54.73 ? 12   LYS A CD  1 
ATOM   92  C  CE  . LYS A 1 13 ? 11.804  6.249   -9.017  1.00 58.76 ? 12   LYS A CE  1 
ATOM   93  N  NZ  . LYS A 1 13 ? 12.756  7.087   -8.245  1.00 62.60 ? 12   LYS A NZ  1 
ATOM   94  N  N   . ASN A 1 14 ? 6.239   2.245   -7.248  1.00 39.48 ? 13   ASN A N   1 
ATOM   95  C  CA  . ASN A 1 14 ? 5.638   1.385   -6.227  1.00 38.26 ? 13   ASN A CA  1 
ATOM   96  C  C   . ASN A 1 14 ? 4.152   1.044   -6.427  1.00 37.35 ? 13   ASN A C   1 
ATOM   97  O  O   . ASN A 1 14 ? 3.567   0.320   -5.619  1.00 34.76 ? 13   ASN A O   1 
ATOM   98  C  CB  . ASN A 1 14 ? 5.883   1.990   -4.830  1.00 39.09 ? 13   ASN A CB  1 
ATOM   99  C  CG  . ASN A 1 14 ? 5.168   3.315   -4.633  1.00 39.81 ? 13   ASN A CG  1 
ATOM   100 O  OD1 . ASN A 1 14 ? 4.431   3.779   -5.507  1.00 37.01 ? 13   ASN A OD1 1 
ATOM   101 N  ND2 . ASN A 1 14 ? 5.370   3.925   -3.474  1.00 35.07 ? 13   ASN A ND2 1 
ATOM   102 N  N   . THR A 1 15 ? 3.550   1.572   -7.496  1.00 35.12 ? 14   THR A N   1 
ATOM   103 C  CA  . THR A 1 15 ? 2.111   1.415   -7.741  1.00 35.22 ? 14   THR A CA  1 
ATOM   104 C  C   . THR A 1 15 ? 1.831   0.913   -9.160  1.00 36.10 ? 14   THR A C   1 
ATOM   105 O  O   . THR A 1 15 ? 2.431   1.403   -10.117 1.00 33.22 ? 14   THR A O   1 
ATOM   106 C  CB  . THR A 1 15 ? 1.358   2.746   -7.496  1.00 33.75 ? 14   THR A CB  1 
ATOM   107 O  OG1 . THR A 1 15 ? 1.665   3.226   -6.180  1.00 40.49 ? 14   THR A OG1 1 
ATOM   108 C  CG2 . THR A 1 15 ? -0.164  2.567   -7.612  1.00 30.93 ? 14   THR A CG2 1 
ATOM   109 N  N   . ARG A 1 16 ? 0.923   -0.057  -9.279  1.00 36.37 ? 15   ARG A N   1 
ATOM   110 C  CA  . ARG A 1 16 ? 0.462   -0.565  -10.587 1.00 35.24 ? 15   ARG A CA  1 
ATOM   111 C  C   . ARG A 1 16 ? -1.057  -0.573  -10.635 1.00 33.70 ? 15   ARG A C   1 
ATOM   112 O  O   . ARG A 1 16 ? -1.711  -0.717  -9.603  1.00 33.02 ? 15   ARG A O   1 
ATOM   113 C  CB  . ARG A 1 16 ? 0.974   -1.987  -10.840 1.00 34.72 ? 15   ARG A CB  1 
ATOM   114 C  CG  . ARG A 1 16 ? 2.394   -2.063  -11.412 1.00 41.15 ? 15   ARG A CG  1 
ATOM   115 C  CD  . ARG A 1 16 ? 2.704   -3.437  -12.029 1.00 60.30 ? 15   ARG A CD  1 
ATOM   116 N  NE  . ARG A 1 16 ? 2.319   -4.550  -11.154 1.00 63.75 ? 15   ARG A NE  1 
ATOM   117 C  CZ  . ARG A 1 16 ? 1.491   -5.537  -11.494 1.00 61.09 ? 15   ARG A CZ  1 
ATOM   118 N  NH1 . ARG A 1 16 ? 0.946   -5.584  -12.708 1.00 58.69 ? 15   ARG A NH1 1 
ATOM   119 N  NH2 . ARG A 1 16 ? 1.211   -6.485  -10.607 1.00 57.94 ? 15   ARG A NH2 1 
ATOM   120 N  N   . THR A 1 17 ? -1.620  -0.420  -11.829 1.00 32.89 ? 16   THR A N   1 
ATOM   121 C  CA  . THR A 1 17 ? -3.062  -0.576  -12.023 1.00 31.83 ? 16   THR A CA  1 
ATOM   122 C  C   . THR A 1 17 ? -3.326  -1.916  -12.677 1.00 31.52 ? 16   THR A C   1 
ATOM   123 O  O   . THR A 1 17 ? -2.767  -2.215  -13.738 1.00 32.52 ? 16   THR A O   1 
ATOM   124 C  CB  . THR A 1 17 ? -3.642  0.578   -12.855 1.00 30.50 ? 16   THR A CB  1 
ATOM   125 O  OG1 . THR A 1 17 ? -3.446  1.794   -12.131 1.00 32.78 ? 16   THR A OG1 1 
ATOM   126 C  CG2 . THR A 1 17 ? -5.134  0.385   -13.106 1.00 30.08 ? 16   THR A CG2 1 
ATOM   127 N  N   . VAL A 1 18 ? -4.182  -2.707  -12.041 1.00 30.91 ? 17   VAL A N   1 
ATOM   128 C  CA  . VAL A 1 18 ? -4.495  -4.071  -12.477 1.00 33.17 ? 17   VAL A CA  1 
ATOM   129 C  C   . VAL A 1 18 ? -5.994  -4.244  -12.675 1.00 35.05 ? 17   VAL A C   1 
ATOM   130 O  O   . VAL A 1 18 ? -6.794  -3.540  -12.057 1.00 36.58 ? 17   VAL A O   1 
ATOM   131 C  CB  . VAL A 1 18 ? -4.035  -5.134  -11.428 1.00 34.90 ? 17   VAL A CB  1 
ATOM   132 C  CG1 . VAL A 1 18 ? -2.518  -5.169  -11.320 1.00 32.05 ? 17   VAL A CG1 1 
ATOM   133 C  CG2 . VAL A 1 18 ? -4.672  -4.866  -10.063 1.00 31.41 ? 17   VAL A CG2 1 
ATOM   134 N  N   . SER A 1 19 ? -6.380  -5.187  -13.526 1.00 34.35 ? 18   SER A N   1 
ATOM   135 C  CA  . SER A 1 19 ? -7.767  -5.551  -13.624 1.00 33.80 ? 18   SER A CA  1 
ATOM   136 C  C   . SER A 1 19 ? -8.094  -6.480  -12.456 1.00 34.32 ? 18   SER A C   1 
ATOM   137 O  O   . SER A 1 19 ? -7.277  -7.316  -12.082 1.00 33.64 ? 18   SER A O   1 
ATOM   138 C  CB  . SER A 1 19 ? -8.035  -6.240  -14.956 1.00 32.76 ? 18   SER A CB  1 
ATOM   139 O  OG  . SER A 1 19 ? -7.299  -7.423  -15.017 1.00 31.75 ? 18   SER A OG  1 
ATOM   140 N  N   . THR A 1 20 ? -9.268  -6.300  -11.855 1.00 33.28 ? 19   THR A N   1 
ATOM   141 C  CA  . THR A 1 20 ? -9.768  -7.202  -10.812 1.00 34.27 ? 19   THR A CA  1 
ATOM   142 C  C   . THR A 1 20 ? -11.236 -7.451  -11.110 1.00 33.90 ? 19   THR A C   1 
ATOM   143 O  O   . THR A 1 20 ? -11.827 -6.779  -11.966 1.00 33.40 ? 19   THR A O   1 
ATOM   144 C  CB  . THR A 1 20 ? -9.693  -6.581  -9.372  1.00 36.84 ? 19   THR A CB  1 
ATOM   145 O  OG1 . THR A 1 20 ? -10.699 -5.571  -9.220  1.00 37.70 ? 19   THR A OG1 1 
ATOM   146 C  CG2 . THR A 1 20 ? -8.343  -5.981  -9.080  1.00 34.85 ? 19   THR A CG2 1 
ATOM   147 N  N   . ALA A 1 21 ? -11.821 -8.397  -10.385 1.00 34.17 ? 20   ALA A N   1 
ATOM   148 C  CA  . ALA A 1 21 ? -13.257 -8.677  -10.445 1.00 33.28 ? 20   ALA A CA  1 
ATOM   149 C  C   . ALA A 1 21 ? -14.112 -7.456  -10.042 1.00 32.48 ? 20   ALA A C   1 
ATOM   150 O  O   . ALA A 1 21 ? -15.314 -7.419  -10.302 1.00 33.37 ? 20   ALA A O   1 
ATOM   151 C  CB  . ALA A 1 21 ? -13.585 -9.879  -9.561  1.00 32.52 ? 20   ALA A CB  1 
ATOM   152 N  N   . LYS A 1 22 ? -13.474 -6.469  -9.417  1.00 34.37 ? 21   LYS A N   1 
ATOM   153 C  CA  . LYS A 1 22 ? -14.121 -5.204  -9.048  1.00 36.01 ? 21   LYS A CA  1 
ATOM   154 C  C   . LYS A 1 22 ? -13.646 -4.041  -9.936  1.00 35.86 ? 21   LYS A C   1 
ATOM   155 O  O   . LYS A 1 22 ? -13.713 -2.883  -9.528  1.00 35.94 ? 21   LYS A O   1 
ATOM   156 C  CB  . LYS A 1 22 ? -13.844 -4.873  -7.570  1.00 37.89 ? 21   LYS A CB  1 
ATOM   157 C  CG  . LYS A 1 22 ? -14.194 -5.972  -6.538  1.00 39.36 ? 21   LYS A CG  1 
ATOM   158 C  CD  . LYS A 1 22 ? -15.673 -6.364  -6.562  1.00 42.06 ? 21   LYS A CD  1 
ATOM   159 C  CE  . LYS A 1 22 ? -16.050 -7.228  -5.350  1.00 47.06 ? 21   LYS A CE  1 
ATOM   160 N  NZ  . LYS A 1 22 ? -17.310 -8.002  -5.572  1.00 49.14 ? 21   LYS A NZ  1 
ATOM   161 N  N   . GLY A 1 23 ? -13.169 -4.352  -11.144 1.00 32.58 ? 22   GLY A N   1 
ATOM   162 C  CA  . GLY A 1 23 ? -12.665 -3.331  -12.074 1.00 32.63 ? 22   GLY A CA  1 
ATOM   163 C  C   . GLY A 1 23 ? -11.229 -2.927  -11.793 1.00 32.02 ? 22   GLY A C   1 
ATOM   164 O  O   . GLY A 1 23 ? -10.580 -3.525  -10.938 1.00 33.75 ? 22   GLY A O   1 
ATOM   165 N  N   . ASP A 1 24 ? -10.748 -1.899  -12.492 1.00 30.46 ? 23   ASP A N   1 
ATOM   166 C  CA  . ASP A 1 24 ? -9.397  -1.349  -12.301 1.00 32.99 ? 23   ASP A CA  1 
ATOM   167 C  C   . ASP A 1 24 ? -9.127  -1.030  -10.825 1.00 34.03 ? 23   ASP A C   1 
ATOM   168 O  O   . ASP A 1 24 ? -9.916  -0.325  -10.190 1.00 34.34 ? 23   ASP A O   1 
ATOM   169 C  CB  . ASP A 1 24 ? -9.225  -0.035  -13.087 1.00 27.85 ? 23   ASP A CB  1 
ATOM   170 C  CG  . ASP A 1 24 ? -9.113  -0.249  -14.591 1.00 36.54 ? 23   ASP A CG  1 
ATOM   171 O  OD1 . ASP A 1 24 ? -9.234  -1.402  -15.075 1.00 36.32 ? 23   ASP A OD1 1 
ATOM   172 O  OD2 . ASP A 1 24 ? -8.907  0.758   -15.292 1.00 40.17 ? 23   ASP A OD2 1 
ATOM   173 N  N   . LYS A 1 25 ? -8.010  -1.526  -10.300 1.00 34.23 ? 24   LYS A N   1 
ATOM   174 C  CA  . LYS A 1 25 ? -7.542  -1.102  -8.984  1.00 36.07 ? 24   LYS A CA  1 
ATOM   175 C  C   . LYS A 1 25 ? -6.078  -0.797  -9.033  1.00 35.28 ? 24   LYS A C   1 
ATOM   176 O  O   . LYS A 1 25 ? -5.306  -1.516  -9.691  1.00 36.74 ? 24   LYS A O   1 
ATOM   177 C  CB  . LYS A 1 25 ? -7.775  -2.171  -7.911  1.00 35.86 ? 24   LYS A CB  1 
ATOM   178 C  CG  . LYS A 1 25 ? -9.231  -2.531  -7.658  1.00 36.80 ? 24   LYS A CG  1 
ATOM   179 C  CD  . LYS A 1 25 ? -10.029 -1.333  -7.172  1.00 36.37 ? 24   LYS A CD  1 
ATOM   180 C  CE  . LYS A 1 25 ? -11.421 -1.750  -6.726  1.00 43.57 ? 24   LYS A CE  1 
ATOM   181 N  NZ  . LYS A 1 25 ? -12.137 -0.587  -6.135  1.00 44.33 ? 24   LYS A NZ  1 
ATOM   182 N  N   . LYS A 1 26 ? -5.704  0.271   -8.332  1.00 32.04 ? 25   LYS A N   1 
ATOM   183 C  CA  . LYS A 1 26 ? -4.319  0.532   -8.010  1.00 32.45 ? 25   LYS A CA  1 
ATOM   184 C  C   . LYS A 1 26 ? -3.894  -0.381  -6.869  1.00 34.60 ? 25   LYS A C   1 
ATOM   185 O  O   . LYS A 1 26 ? -4.652  -0.586  -5.902  1.00 37.40 ? 25   LYS A O   1 
ATOM   186 C  CB  . LYS A 1 26 ? -4.111  1.995   -7.618  1.00 32.12 ? 25   LYS A CB  1 
ATOM   187 C  CG  . LYS A 1 26 ? -4.115  2.981   -8.772  1.00 31.45 ? 25   LYS A CG  1 
ATOM   188 C  CD  . LYS A 1 26 ? -3.691  4.358   -8.274  1.00 28.57 ? 25   LYS A CD  1 
ATOM   189 C  CE  . LYS A 1 26 ? -3.785  5.398   -9.388  1.00 33.31 ? 25   LYS A CE  1 
ATOM   190 N  NZ  . LYS A 1 26 ? -5.165  5.573   -9.933  1.00 29.81 ? 25   LYS A NZ  1 
ATOM   191 N  N   . ILE A 1 27 ? -2.703  -0.953  -6.990  1.00 33.96 ? 26   ILE A N   1 
ATOM   192 C  CA  . ILE A 1 27 ? -2.090  -1.710  -5.894  1.00 37.53 ? 26   ILE A CA  1 
ATOM   193 C  C   . ILE A 1 27 ? -0.729  -1.089  -5.593  1.00 37.22 ? 26   ILE A C   1 
ATOM   194 O  O   . ILE A 1 27 ? 0.109   -0.955  -6.497  1.00 35.13 ? 26   ILE A O   1 
ATOM   195 C  CB  . ILE A 1 27 ? -1.887  -3.205  -6.231  1.00 38.27 ? 26   ILE A CB  1 
ATOM   196 C  CG1 . ILE A 1 27 ? -3.219  -3.883  -6.550  1.00 44.53 ? 26   ILE A CG1 1 
ATOM   197 C  CG2 . ILE A 1 27 ? -1.182  -3.928  -5.074  1.00 37.57 ? 26   ILE A CG2 1 
ATOM   198 C  CD1 . ILE A 1 27 ? -3.075  -5.345  -6.986  1.00 59.32 ? 26   ILE A CD1 1 
ATOM   199 N  N   . ILE A 1 28 ? -0.529  -0.703  -4.331  1.00 37.08 ? 27   ILE A N   1 
ATOM   200 C  CA  . ILE A 1 28 ? 0.742   -0.137  -3.884  1.00 37.01 ? 27   ILE A CA  1 
ATOM   201 C  C   . ILE A 1 28 ? 1.553   -1.197  -3.138  1.00 37.17 ? 27   ILE A C   1 
ATOM   202 O  O   . ILE A 1 28 ? 0.988   -2.075  -2.479  1.00 39.60 ? 27   ILE A O   1 
ATOM   203 C  CB  . ILE A 1 28 ? 0.532   1.141   -3.009  1.00 36.76 ? 27   ILE A CB  1 
ATOM   204 C  CG1 . ILE A 1 28 ? 1.813   1.989   -2.972  1.00 35.20 ? 27   ILE A CG1 1 
ATOM   205 C  CG2 . ILE A 1 28 ? 0.024   0.773   -1.599  1.00 37.90 ? 27   ILE A CG2 1 
ATOM   206 C  CD1 . ILE A 1 28 ? 1.672   3.336   -2.275  1.00 32.18 ? 27   ILE A CD1 1 
ATOM   207 N  N   . SER A 1 29 ? 2.873   -1.115  -3.264  1.00 37.47 ? 28   SER A N   1 
ATOM   208 C  CA  . SER A 1 29 ? 3.792   -2.018  -2.578  1.00 36.53 ? 28   SER A CA  1 
ATOM   209 C  C   . SER A 1 29 ? 4.711   -1.162  -1.718  1.00 33.60 ? 28   SER A C   1 
ATOM   210 O  O   . SER A 1 29 ? 5.436   -0.311  -2.234  1.00 33.19 ? 28   SER A O   1 
ATOM   211 C  CB  . SER A 1 29 ? 4.588   -2.849  -3.598  1.00 36.50 ? 28   SER A CB  1 
ATOM   212 O  OG  . SER A 1 29 ? 5.501   -3.736  -2.949  1.00 45.75 ? 28   SER A OG  1 
ATOM   213 N  N   . VAL A 1 30 ? 4.638   -1.358  -0.404  1.00 33.09 ? 29   VAL A N   1 
ATOM   214 C  CA  . VAL A 1 30 ? 5.380   -0.521  0.566   1.00 32.28 ? 29   VAL A CA  1 
ATOM   215 C  C   . VAL A 1 30 ? 6.271   -1.348  1.513   1.00 31.99 ? 29   VAL A C   1 
ATOM   216 O  O   . VAL A 1 30 ? 5.919   -2.484  1.853   1.00 31.45 ? 29   VAL A O   1 
ATOM   217 C  CB  . VAL A 1 30 ? 4.420   0.392   1.399   1.00 34.99 ? 29   VAL A CB  1 
ATOM   218 C  CG1 . VAL A 1 30 ? 3.715   1.418   0.483   1.00 33.76 ? 29   VAL A CG1 1 
ATOM   219 C  CG2 . VAL A 1 30 ? 3.388   -0.434  2.192   1.00 30.48 ? 29   VAL A CG2 1 
ATOM   220 N  N   . PRO A 1 31 ? 7.423   -0.782  1.943   1.00 33.35 ? 30   PRO A N   1 
ATOM   221 C  CA  . PRO A 1 31 ? 8.344   -1.511  2.846   1.00 33.54 ? 30   PRO A CA  1 
ATOM   222 C  C   . PRO A 1 31 ? 7.749   -1.617  4.255   1.00 33.75 ? 30   PRO A C   1 
ATOM   223 O  O   . PRO A 1 31 ? 7.222   -0.631  4.782   1.00 32.40 ? 30   PRO A O   1 
ATOM   224 C  CB  . PRO A 1 31 ? 9.601   -0.629  2.861   1.00 31.44 ? 30   PRO A CB  1 
ATOM   225 C  CG  . PRO A 1 31 ? 9.106   0.752   2.607   1.00 36.11 ? 30   PRO A CG  1 
ATOM   226 C  CD  . PRO A 1 31 ? 7.905   0.590   1.661   1.00 34.16 ? 30   PRO A CD  1 
ATOM   227 N  N   . LEU A 1 32 ? 7.813   -2.812  4.827   1.00 32.42 ? 31   LEU A N   1 
ATOM   228 C  CA  . LEU A 1 32 ? 7.296   -3.080  6.165   1.00 34.56 ? 31   LEU A CA  1 
ATOM   229 C  C   . LEU A 1 32 ? 8.259   -2.746  7.301   1.00 34.77 ? 31   LEU A C   1 
ATOM   230 O  O   . LEU A 1 32 ? 7.865   -2.762  8.466   1.00 35.29 ? 31   LEU A O   1 
ATOM   231 C  CB  . LEU A 1 32 ? 6.851   -4.534  6.280   1.00 31.28 ? 31   LEU A CB  1 
ATOM   232 C  CG  . LEU A 1 32 ? 5.839   -4.930  5.214   1.00 35.95 ? 31   LEU A CG  1 
ATOM   233 C  CD1 . LEU A 1 32 ? 5.502   -6.395  5.402   1.00 39.30 ? 31   LEU A CD1 1 
ATOM   234 C  CD2 . LEU A 1 32 ? 4.563   -4.050  5.250   1.00 25.82 ? 31   LEU A CD2 1 
ATOM   235 N  N   . PHE A 1 33 ? 9.513   -2.460  6.962   1.00 37.77 ? 32   PHE A N   1 
ATOM   236 C  CA  . PHE A 1 33 ? 10.533  -2.048  7.944   1.00 38.43 ? 32   PHE A CA  1 
ATOM   237 C  C   . PHE A 1 33 ? 11.764  -1.460  7.257   1.00 40.20 ? 32   PHE A C   1 
ATOM   238 O  O   . PHE A 1 33 ? 11.840  -1.458  6.032   1.00 42.75 ? 32   PHE A O   1 
ATOM   239 C  CB  . PHE A 1 33 ? 10.926  -3.203  8.884   1.00 40.77 ? 32   PHE A CB  1 
ATOM   240 C  CG  . PHE A 1 33 ? 11.173  -4.513  8.191   1.00 35.23 ? 32   PHE A CG  1 
ATOM   241 C  CD1 . PHE A 1 33 ? 12.420  -4.796  7.638   1.00 38.47 ? 32   PHE A CD1 1 
ATOM   242 C  CD2 . PHE A 1 33 ? 10.171  -5.477  8.133   1.00 28.49 ? 32   PHE A CD2 1 
ATOM   243 C  CE1 . PHE A 1 33 ? 12.663  -6.015  7.001   1.00 37.44 ? 32   PHE A CE1 1 
ATOM   244 C  CE2 . PHE A 1 33 ? 10.390  -6.698  7.502   1.00 32.34 ? 32   PHE A CE2 1 
ATOM   245 C  CZ  . PHE A 1 33 ? 11.649  -6.971  6.934   1.00 40.50 ? 32   PHE A CZ  1 
ATOM   246 N  N   . GLU A 1 34 ? 12.706  -0.941  8.044   1.00 38.30 ? 33   GLU A N   1 
ATOM   247 C  CA  . GLU A 1 34 ? 13.935  -0.353  7.510   1.00 39.07 ? 33   GLU A CA  1 
ATOM   248 C  C   . GLU A 1 34 ? 15.165  -1.240  7.772   1.00 38.55 ? 33   GLU A C   1 
ATOM   249 O  O   . GLU A 1 34 ? 15.095  -2.215  8.525   1.00 34.48 ? 33   GLU A O   1 
ATOM   250 C  CB  . GLU A 1 34 ? 14.231  1.005   8.152   1.00 39.32 ? 33   GLU A CB  1 
ATOM   251 C  CG  . GLU A 1 34 ? 13.084  1.932   8.409   1.00 43.10 ? 33   GLU A CG  1 
ATOM   252 C  CD  . GLU A 1 34 ? 13.431  2.918   9.512   1.00 43.57 ? 33   GLU A CD  1 
ATOM   253 O  OE1 . GLU A 1 34 ? 12.551  3.712   9.887   1.00 47.18 ? 33   GLU A OE1 1 
ATOM   254 O  OE2 . GLU A 1 34 ? 14.582  2.894   10.011  1.00 38.39 ? 33   GLU A OE2 1 
ATOM   255 N  N   . LYS A 1 35 ? 16.289  -0.854  7.166   1.00 41.36 ? 34   LYS A N   1 
ATOM   256 C  CA  . LYS A 1 35 ? 17.593  -1.519  7.348   1.00 43.26 ? 34   LYS A CA  1 
ATOM   257 C  C   . LYS A 1 35 ? 18.699  -0.469  7.507   1.00 45.26 ? 34   LYS A C   1 
ATOM   258 O  O   . LYS A 1 35 ? 18.451  0.724   7.308   1.00 46.06 ? 34   LYS A O   1 
ATOM   259 C  CB  . LYS A 1 35 ? 17.899  -2.426  6.152   1.00 43.23 ? 34   LYS A CB  1 
ATOM   260 C  CG  . LYS A 1 35 ? 18.006  -1.668  4.830   1.00 45.52 ? 34   LYS A CG  1 
ATOM   261 C  CD  . LYS A 1 35 ? 17.848  -2.570  3.616   1.00 50.19 ? 34   LYS A CD  1 
ATOM   262 C  CE  . LYS A 1 35 ? 19.184  -2.939  2.987   1.00 55.60 ? 34   LYS A CE  1 
ATOM   263 N  NZ  . LYS A 1 35 ? 18.961  -3.685  1.709   1.00 56.32 ? 34   LYS A NZ  1 
ATOM   264 N  N   . GLU A 1 36 ? 19.911  -0.913  7.851   1.00 47.57 ? 35   GLU A N   1 
ATOM   265 C  CA  . GLU A 1 36 ? 21.084  -0.028  7.935   1.00 48.81 ? 35   GLU A CA  1 
ATOM   266 C  C   . GLU A 1 36 ? 21.606  0.372   6.556   1.00 48.56 ? 35   GLU A C   1 
ATOM   267 O  O   . GLU A 1 36 ? 21.747  -0.467  5.667   1.00 49.37 ? 35   GLU A O   1 
ATOM   268 C  CB  . GLU A 1 36 ? 22.206  -0.687  8.735   1.00 48.75 ? 35   GLU A CB  1 
ATOM   269 C  CG  . GLU A 1 36 ? 21.932  -0.795  10.219  1.00 51.01 ? 35   GLU A CG  1 
ATOM   270 C  CD  . GLU A 1 36 ? 22.625  -1.981  10.857  1.00 55.90 ? 35   GLU A CD  1 
ATOM   271 O  OE1 . GLU A 1 36 ? 23.384  -2.694  10.164  1.00 57.07 ? 35   GLU A OE1 1 
ATOM   272 O  OE2 . GLU A 1 36 ? 22.409  -2.206  12.064  1.00 61.73 ? 35   GLU A OE2 1 
ATOM   273 N  N   . VAL A 1 41 ? 20.742  -7.656  3.732   1.00 40.77 ? 40   VAL A N   1 
ATOM   274 C  CA  . VAL A 1 41 ? 19.494  -7.711  4.490   1.00 40.25 ? 40   VAL A CA  1 
ATOM   275 C  C   . VAL A 1 41 ? 18.362  -7.073  3.684   1.00 40.15 ? 40   VAL A C   1 
ATOM   276 O  O   . VAL A 1 41 ? 18.284  -5.851  3.574   1.00 40.76 ? 40   VAL A O   1 
ATOM   277 C  CB  . VAL A 1 41 ? 19.639  -7.009  5.871   1.00 40.85 ? 40   VAL A CB  1 
ATOM   278 C  CG1 . VAL A 1 41 ? 18.290  -6.954  6.605   1.00 39.84 ? 40   VAL A CG1 1 
ATOM   279 C  CG2 . VAL A 1 41 ? 20.709  -7.703  6.723   1.00 38.69 ? 40   VAL A CG2 1 
ATOM   280 N  N   . LYS A 1 42 ? 17.488  -7.898  3.113   1.00 39.42 ? 41   LYS A N   1 
ATOM   281 C  CA  . LYS A 1 42 ? 16.435  -7.376  2.243   1.00 38.98 ? 41   LYS A CA  1 
ATOM   282 C  C   . LYS A 1 42 ? 15.163  -7.000  3.009   1.00 38.23 ? 41   LYS A C   1 
ATOM   283 O  O   . LYS A 1 42 ? 14.734  -7.709  3.918   1.00 38.65 ? 41   LYS A O   1 
ATOM   284 C  CB  . LYS A 1 42 ? 16.123  -8.335  1.084   1.00 39.87 ? 41   LYS A CB  1 
ATOM   285 C  CG  . LYS A 1 42 ? 15.369  -9.609  1.460   1.00 41.72 ? 41   LYS A CG  1 
ATOM   286 C  CD  . LYS A 1 42 ? 14.359  -9.976  0.367   1.00 44.23 ? 41   LYS A CD  1 
ATOM   287 C  CE  . LYS A 1 42 ? 13.519  -11.184 0.756   1.00 42.66 ? 41   LYS A CE  1 
ATOM   288 N  NZ  . LYS A 1 42 ? 14.358  -12.364 1.115   1.00 34.66 ? 41   LYS A NZ  1 
ATOM   289 N  N   . VAL A 1 43 ? 14.568  -5.876  2.628   1.00 37.11 ? 42   VAL A N   1 
ATOM   290 C  CA  . VAL A 1 43 ? 13.346  -5.390  3.267   1.00 35.58 ? 42   VAL A CA  1 
ATOM   291 C  C   . VAL A 1 43 ? 12.108  -6.058  2.662   1.00 33.88 ? 42   VAL A C   1 
ATOM   292 O  O   . VAL A 1 43 ? 11.977  -6.134  1.442   1.00 34.51 ? 42   VAL A O   1 
ATOM   293 C  CB  . VAL A 1 43 ? 13.257  -3.846  3.177   1.00 36.01 ? 42   VAL A CB  1 
ATOM   294 C  CG1 . VAL A 1 43 ? 11.865  -3.346  3.535   1.00 34.26 ? 42   VAL A CG1 1 
ATOM   295 C  CG2 . VAL A 1 43 ? 14.312  -3.209  4.083   1.00 34.47 ? 42   VAL A CG2 1 
ATOM   296 N  N   . ALA A 1 44 ? 11.218  -6.554  3.519   1.00 31.38 ? 43   ALA A N   1 
ATOM   297 C  CA  . ALA A 1 44 ? 9.949   -7.110  3.067   1.00 29.80 ? 43   ALA A CA  1 
ATOM   298 C  C   . ALA A 1 44 ? 8.966   -5.991  2.662   1.00 29.89 ? 43   ALA A C   1 
ATOM   299 O  O   . ALA A 1 44 ? 8.976   -4.901  3.251   1.00 29.90 ? 43   ALA A O   1 
ATOM   300 C  CB  . ALA A 1 44 ? 9.357   -7.991  4.136   1.00 28.66 ? 43   ALA A CB  1 
ATOM   301 N  N   . TYR A 1 45 ? 8.140   -6.270  1.652   1.00 28.20 ? 44   TYR A N   1 
ATOM   302 C  CA  . TYR A 1 45 ? 7.175   -5.313  1.113   1.00 30.03 ? 44   TYR A CA  1 
ATOM   303 C  C   . TYR A 1 45 ? 5.764   -5.834  1.234   1.00 29.93 ? 44   TYR A C   1 
ATOM   304 O  O   . TYR A 1 45 ? 5.516   -7.013  1.014   1.00 31.40 ? 44   TYR A O   1 
ATOM   305 C  CB  . TYR A 1 45 ? 7.484   -4.971  -0.349  1.00 30.59 ? 44   TYR A CB  1 
ATOM   306 C  CG  . TYR A 1 45 ? 8.605   -3.980  -0.459  1.00 30.59 ? 44   TYR A CG  1 
ATOM   307 C  CD1 . TYR A 1 45 ? 9.925   -4.379  -0.266  1.00 29.18 ? 44   TYR A CD1 1 
ATOM   308 C  CD2 . TYR A 1 45 ? 8.346   -2.636  -0.718  1.00 29.92 ? 44   TYR A CD2 1 
ATOM   309 C  CE1 . TYR A 1 45 ? 10.960  -3.467  -0.335  1.00 31.54 ? 44   TYR A CE1 1 
ATOM   310 C  CE2 . TYR A 1 45 ? 9.369   -1.712  -0.791  1.00 29.86 ? 44   TYR A CE2 1 
ATOM   311 C  CZ  . TYR A 1 45 ? 10.679  -2.140  -0.598  1.00 34.93 ? 44   TYR A CZ  1 
ATOM   312 O  OH  . TYR A 1 45 ? 11.706  -1.239  -0.671  1.00 37.09 ? 44   TYR A OH  1 
ATOM   313 N  N   . GLY A 1 46 ? 4.850   -4.952  1.626   1.00 27.65 ? 45   GLY A N   1 
ATOM   314 C  CA  . GLY A 1 46 ? 3.442   -5.303  1.691   1.00 29.53 ? 45   GLY A CA  1 
ATOM   315 C  C   . GLY A 1 46 ? 2.650   -4.589  0.612   1.00 30.01 ? 45   GLY A C   1 
ATOM   316 O  O   . GLY A 1 46 ? 2.976   -3.462  0.227   1.00 29.75 ? 45   GLY A O   1 
ATOM   317 N  N   . SER A 1 47 ? 1.601   -5.247  0.135   1.00 31.78 ? 46   SER A N   1 
ATOM   318 C  CA  . SER A 1 47 ? 0.734   -4.677  -0.893  1.00 33.42 ? 46   SER A CA  1 
ATOM   319 C  C   . SER A 1 47 ? -0.652  -4.357  -0.358  1.00 30.94 ? 46   SER A C   1 
ATOM   320 O  O   . SER A 1 47 ? -1.171  -5.060  0.512   1.00 31.49 ? 46   SER A O   1 
ATOM   321 C  CB  . SER A 1 47 ? 0.624   -5.641  -2.073  1.00 32.82 ? 46   SER A CB  1 
ATOM   322 O  OG  . SER A 1 47 ? 1.916   -6.064  -2.462  1.00 41.61 ? 46   SER A OG  1 
ATOM   323 N  N   . ALA A 1 48 ? -1.248  -3.294  -0.892  1.00 32.37 ? 47   ALA A N   1 
ATOM   324 C  CA  . ALA A 1 48 ? -2.610  -2.887  -0.528  1.00 30.63 ? 47   ALA A CA  1 
ATOM   325 C  C   . ALA A 1 48 ? -3.340  -2.277  -1.727  1.00 30.34 ? 47   ALA A C   1 
ATOM   326 O  O   . ALA A 1 48 ? -2.735  -1.560  -2.531  1.00 26.76 ? 47   ALA A O   1 
ATOM   327 C  CB  . ALA A 1 48 ? -2.571  -1.887  0.615   1.00 31.35 ? 47   ALA A CB  1 
ATOM   328 N  N   . PHE A 1 49 ? -4.640  -2.554  -1.826  1.00 30.19 ? 48   PHE A N   1 
ATOM   329 C  CA  . PHE A 1 49 ? -5.488  -1.931  -2.834  1.00 32.19 ? 48   PHE A CA  1 
ATOM   330 C  C   . PHE A 1 49 ? -5.826  -0.507  -2.418  1.00 31.63 ? 48   PHE A C   1 
ATOM   331 O  O   . PHE A 1 49 ? -6.104  -0.250  -1.243  1.00 36.78 ? 48   PHE A O   1 
ATOM   332 C  CB  . PHE A 1 49 ? -6.771  -2.744  -3.038  1.00 30.33 ? 48   PHE A CB  1 
ATOM   333 C  CG  . PHE A 1 49 ? -6.560  -4.051  -3.773  1.00 32.81 ? 48   PHE A CG  1 
ATOM   334 C  CD1 . PHE A 1 49 ? -6.592  -4.094  -5.168  1.00 34.13 ? 48   PHE A CD1 1 
ATOM   335 C  CD2 . PHE A 1 49 ? -6.338  -5.232  -3.077  1.00 32.92 ? 48   PHE A CD2 1 
ATOM   336 C  CE1 . PHE A 1 49 ? -6.408  -5.301  -5.852  1.00 38.06 ? 48   PHE A CE1 1 
ATOM   337 C  CE2 . PHE A 1 49 ? -6.149  -6.445  -3.763  1.00 35.32 ? 48   PHE A CE2 1 
ATOM   338 C  CZ  . PHE A 1 49 ? -6.185  -6.474  -5.148  1.00 27.59 ? 48   PHE A CZ  1 
HETATM 339 N  N   . MSE A 1 50 ? -5.780  0.412   -3.375  1.00 29.74 ? 49   MSE A N   1 
HETATM 340 C  CA  . MSE A 1 50 ? -6.082  1.822   -3.145  1.00 32.05 ? 49   MSE A CA  1 
HETATM 341 C  C   . MSE A 1 50 ? -7.551  2.071   -3.462  1.00 31.99 ? 49   MSE A C   1 
HETATM 342 O  O   . MSE A 1 50 ? -8.089  1.473   -4.399  1.00 29.75 ? 49   MSE A O   1 
HETATM 343 C  CB  . MSE A 1 50 ? -5.246  2.727   -4.067  1.00 31.96 ? 49   MSE A CB  1 
HETATM 344 C  CG  . MSE A 1 50 ? -3.752  2.552   -3.965  1.00 39.27 ? 49   MSE A CG  1 
HETATM 345 SE SE  . MSE A 1 50 ? -3.022  3.430   -2.364  1.00 41.68 ? 49   MSE A SE  1 
HETATM 346 C  CE  . MSE A 1 50 ? -1.494  4.208   -3.205  1.00 47.33 ? 49   MSE A CE  1 
ATOM   347 N  N   . PRO A 1 51 ? -8.202  2.971   -2.694  1.00 32.20 ? 50   PRO A N   1 
ATOM   348 C  CA  . PRO A 1 51 ? -9.547  3.445   -3.048  1.00 31.17 ? 50   PRO A CA  1 
ATOM   349 C  C   . PRO A 1 51 ? -9.535  4.157   -4.408  1.00 32.06 ? 50   PRO A C   1 
ATOM   350 O  O   . PRO A 1 51 ? -8.491  4.661   -4.832  1.00 30.86 ? 50   PRO A O   1 
ATOM   351 C  CB  . PRO A 1 51 ? -9.907  4.443   -1.933  1.00 31.50 ? 50   PRO A CB  1 
ATOM   352 C  CG  . PRO A 1 51 ? -8.711  4.579   -1.053  1.00 33.15 ? 50   PRO A CG  1 
ATOM   353 C  CD  . PRO A 1 51 ? -7.727  3.483   -1.393  1.00 31.31 ? 50   PRO A CD  1 
ATOM   354 N  N   . ASP A 1 52 ? -10.688 4.217   -5.070  1.00 31.51 ? 51   ASP A N   1 
ATOM   355 C  CA  . ASP A 1 52 ? -10.774 4.743   -6.441  1.00 32.20 ? 51   ASP A CA  1 
ATOM   356 C  C   . ASP A 1 52 ? -10.318 6.195   -6.575  1.00 32.94 ? 51   ASP A C   1 
ATOM   357 O  O   . ASP A 1 52 ? -9.807  6.571   -7.610  1.00 32.71 ? 51   ASP A O   1 
ATOM   358 C  CB  . ASP A 1 52 ? -12.190 4.601   -7.007  1.00 30.19 ? 51   ASP A CB  1 
ATOM   359 C  CG  . ASP A 1 52 ? -12.601 3.146   -7.243  1.00 38.20 ? 51   ASP A CG  1 
ATOM   360 O  OD1 . ASP A 1 52 ? -11.739 2.235   -7.218  1.00 36.46 ? 51   ASP A OD1 1 
ATOM   361 O  OD2 . ASP A 1 52 ? -13.816 2.916   -7.465  1.00 43.85 ? 51   ASP A OD2 1 
ATOM   362 N  N   . PHE A 1 53 ? -10.493 7.007   -5.532  1.00 34.67 ? 52   PHE A N   1 
ATOM   363 C  CA  . PHE A 1 53 ? -10.174 8.441   -5.642  1.00 37.71 ? 52   PHE A CA  1 
ATOM   364 C  C   . PHE A 1 53 ? -8.663  8.752   -5.649  1.00 37.82 ? 52   PHE A C   1 
ATOM   365 O  O   . PHE A 1 53 ? -8.251  9.831   -6.091  1.00 40.00 ? 52   PHE A O   1 
ATOM   366 C  CB  . PHE A 1 53 ? -10.868 9.229   -4.529  1.00 36.70 ? 52   PHE A CB  1 
ATOM   367 C  CG  . PHE A 1 53 ? -10.171 9.138   -3.206  1.00 40.87 ? 52   PHE A CG  1 
ATOM   368 C  CD1 . PHE A 1 53 ? -9.234  10.101  -2.838  1.00 40.56 ? 52   PHE A CD1 1 
ATOM   369 C  CD2 . PHE A 1 53 ? -10.444 8.091   -2.327  1.00 36.41 ? 52   PHE A CD2 1 
ATOM   370 C  CE1 . PHE A 1 53 ? -8.588  10.015  -1.617  1.00 41.64 ? 52   PHE A CE1 1 
ATOM   371 C  CE2 . PHE A 1 53 ? -9.805  8.004   -1.105  1.00 39.40 ? 52   PHE A CE2 1 
ATOM   372 C  CZ  . PHE A 1 53 ? -8.875  8.960   -0.751  1.00 36.86 ? 52   PHE A CZ  1 
ATOM   373 N  N   . ILE A 1 54 ? -7.850  7.817   -5.156  1.00 35.03 ? 53   ILE A N   1 
ATOM   374 C  CA  . ILE A 1 54 ? -6.403  7.984   -5.129  1.00 33.39 ? 53   ILE A CA  1 
ATOM   375 C  C   . ILE A 1 54 ? -5.851  8.115   -6.538  1.00 33.34 ? 53   ILE A C   1 
ATOM   376 O  O   . ILE A 1 54 ? -6.252  7.378   -7.424  1.00 32.48 ? 53   ILE A O   1 
ATOM   377 C  CB  . ILE A 1 54 ? -5.710  6.823   -4.344  1.00 34.02 ? 53   ILE A CB  1 
ATOM   378 C  CG1 . ILE A 1 54 ? -6.055  6.912   -2.847  1.00 30.15 ? 53   ILE A CG1 1 
ATOM   379 C  CG2 . ILE A 1 54 ? -4.199  6.847   -4.527  1.00 28.41 ? 53   ILE A CG2 1 
ATOM   380 C  CD1 . ILE A 1 54 ? -5.612  8.212   -2.175  1.00 33.45 ? 53   ILE A CD1 1 
ATOM   381 N  N   . GLN A 1 55 ? -4.933  9.064   -6.723  1.00 33.74 ? 54   GLN A N   1 
ATOM   382 C  CA  . GLN A 1 55 ? -4.288  9.326   -8.011  1.00 32.73 ? 54   GLN A CA  1 
ATOM   383 C  C   . GLN A 1 55 ? -2.768  9.181   -7.937  1.00 32.88 ? 54   GLN A C   1 
ATOM   384 O  O   . GLN A 1 55 ? -2.173  9.361   -6.881  1.00 29.53 ? 54   GLN A O   1 
ATOM   385 C  CB  . GLN A 1 55 ? -4.659  10.727  -8.502  1.00 34.33 ? 54   GLN A CB  1 
ATOM   386 C  CG  . GLN A 1 55 ? -6.105  10.809  -8.993  1.00 41.37 ? 54   GLN A CG  1 
ATOM   387 C  CD  . GLN A 1 55 ? -6.333  11.957  -9.938  1.00 56.45 ? 54   GLN A CD  1 
ATOM   388 O  OE1 . GLN A 1 55 ? -6.486  13.106  -9.512  1.00 57.24 ? 54   GLN A OE1 1 
ATOM   389 N  NE2 . GLN A 1 55 ? -6.367  11.657  -11.242 1.00 54.71 ? 54   GLN A NE2 1 
HETATM 390 N  N   . MSE A 1 56 ? -2.142  8.839   -9.059  1.00 32.17 ? 55   MSE A N   1 
HETATM 391 C  CA  . MSE A 1 56 ? -0.684  8.800   -9.138  1.00 33.23 ? 55   MSE A CA  1 
HETATM 392 C  C   . MSE A 1 56 ? -0.117  10.139  -8.679  1.00 33.04 ? 55   MSE A C   1 
HETATM 393 O  O   . MSE A 1 56 ? -0.562  11.200  -9.126  1.00 33.25 ? 55   MSE A O   1 
HETATM 394 C  CB  . MSE A 1 56 ? -0.210  8.470   -10.557 1.00 32.85 ? 55   MSE A CB  1 
HETATM 395 C  CG  . MSE A 1 56 ? -0.703  7.119   -11.097 1.00 31.45 ? 55   MSE A CG  1 
HETATM 396 SE SE  . MSE A 1 56 ? -0.008  5.625   -10.048 1.00 37.30 ? 55   MSE A SE  1 
HETATM 397 C  CE  . MSE A 1 56 ? 1.747   5.486   -10.875 1.00 40.65 ? 55   MSE A CE  1 
ATOM   398 N  N   . GLY A 1 57 ? 0.835   10.086  -7.753  1.00 32.47 ? 56   GLY A N   1 
ATOM   399 C  CA  . GLY A 1 57 ? 1.416   11.307  -7.193  1.00 31.91 ? 56   GLY A CA  1 
ATOM   400 C  C   . GLY A 1 57 ? 0.863   11.692  -5.835  1.00 33.52 ? 56   GLY A C   1 
ATOM   401 O  O   . GLY A 1 57 ? 1.463   12.509  -5.131  1.00 32.20 ? 56   GLY A O   1 
ATOM   402 N  N   . ASP A 1 58 ? -0.263  11.102  -5.441  1.00 31.56 ? 57   ASP A N   1 
ATOM   403 C  CA  . ASP A 1 58 ? -0.795  11.337  -4.097  1.00 33.13 ? 57   ASP A CA  1 
ATOM   404 C  C   . ASP A 1 58 ? 0.125   10.736  -3.038  1.00 32.76 ? 57   ASP A C   1 
ATOM   405 O  O   . ASP A 1 58 ? 0.775   9.712   -3.279  1.00 33.31 ? 57   ASP A O   1 
ATOM   406 C  CB  . ASP A 1 58 ? -2.189  10.710  -3.948  1.00 32.41 ? 57   ASP A CB  1 
ATOM   407 C  CG  . ASP A 1 58 ? -3.277  11.489  -4.670  1.00 38.59 ? 57   ASP A CG  1 
ATOM   408 O  OD1 . ASP A 1 58 ? -2.993  12.568  -5.252  1.00 37.54 ? 57   ASP A OD1 1 
ATOM   409 O  OD2 . ASP A 1 58 ? -4.433  10.998  -4.652  1.00 39.43 ? 57   ASP A OD2 1 
ATOM   410 N  N   . THR A 1 59 ? 0.164   11.368  -1.866  1.00 32.50 ? 58   THR A N   1 
ATOM   411 C  CA  . THR A 1 59 ? 0.782   10.771  -0.675  1.00 33.16 ? 58   THR A CA  1 
ATOM   412 C  C   . THR A 1 59 ? -0.367  10.138  0.108   1.00 33.27 ? 58   THR A C   1 
ATOM   413 O  O   . THR A 1 59 ? -1.447  10.759  0.253   1.00 31.89 ? 58   THR A O   1 
ATOM   414 C  CB  . THR A 1 59 ? 1.516   11.824  0.191   1.00 35.64 ? 58   THR A CB  1 
ATOM   415 O  OG1 . THR A 1 59 ? 2.469   12.529  -0.613  1.00 38.20 ? 58   THR A OG1 1 
ATOM   416 C  CG2 . THR A 1 59 ? 2.239   11.184  1.392   1.00 34.20 ? 58   THR A CG2 1 
ATOM   417 N  N   . VAL A 1 60 ? -0.154  8.897   0.564   1.00 29.01 ? 59   VAL A N   1 
ATOM   418 C  CA  . VAL A 1 60 ? -1.172  8.151   1.296   1.00 30.67 ? 59   VAL A CA  1 
ATOM   419 C  C   . VAL A 1 60 ? -0.629  7.539   2.576   1.00 32.31 ? 59   VAL A C   1 
ATOM   420 O  O   . VAL A 1 60 ? 0.574   7.271   2.695   1.00 33.41 ? 59   VAL A O   1 
ATOM   421 C  CB  . VAL A 1 60 ? -1.779  7.000   0.448   1.00 31.50 ? 59   VAL A CB  1 
ATOM   422 C  CG1 . VAL A 1 60 ? -2.572  7.562   -0.737  1.00 34.34 ? 59   VAL A CG1 1 
ATOM   423 C  CG2 . VAL A 1 60 ? -0.680  6.022   -0.018  1.00 32.95 ? 59   VAL A CG2 1 
ATOM   424 N  N   . THR A 1 61 ? -1.531  7.316   3.524   1.00 31.28 ? 60   THR A N   1 
ATOM   425 C  CA  . THR A 1 61 ? -1.231  6.529   4.702   1.00 36.77 ? 60   THR A CA  1 
ATOM   426 C  C   . THR A 1 61 ? -1.977  5.196   4.603   1.00 36.62 ? 60   THR A C   1 
ATOM   427 O  O   . THR A 1 61 ? -3.204  5.165   4.548   1.00 39.52 ? 60   THR A O   1 
ATOM   428 C  CB  . THR A 1 61 ? -1.583  7.306   5.987   1.00 34.53 ? 60   THR A CB  1 
ATOM   429 O  OG1 . THR A 1 61 ? -0.699  8.422   6.093   1.00 40.14 ? 60   THR A OG1 1 
ATOM   430 C  CG2 . THR A 1 61 ? -1.394  6.460   7.218   1.00 34.66 ? 60   THR A CG2 1 
ATOM   431 N  N   . VAL A 1 62 ? -1.225  4.104   4.550   1.00 36.51 ? 61   VAL A N   1 
ATOM   432 C  CA  . VAL A 1 62 ? -1.811  2.761   4.578   1.00 33.15 ? 61   VAL A CA  1 
ATOM   433 C  C   . VAL A 1 62 ? -1.615  2.106   5.949   1.00 33.38 ? 61   VAL A C   1 
ATOM   434 O  O   . VAL A 1 62 ? -0.475  1.931   6.413   1.00 34.27 ? 61   VAL A O   1 
ATOM   435 C  CB  . VAL A 1 62 ? -1.234  1.877   3.482   1.00 34.81 ? 61   VAL A CB  1 
ATOM   436 C  CG1 . VAL A 1 62 ? -1.929  0.514   3.500   1.00 34.45 ? 61   VAL A CG1 1 
ATOM   437 C  CG2 . VAL A 1 62 ? -1.405  2.561   2.114   1.00 35.79 ? 61   VAL A CG2 1 
ATOM   438 N  N   . SER A 1 63 ? -2.736  1.752   6.589   1.00 31.06 ? 62   SER A N   1 
ATOM   439 C  CA  . SER A 1 63 ? -2.724  1.217   7.939   1.00 29.95 ? 62   SER A CA  1 
ATOM   440 C  C   . SER A 1 63 ? -3.618  -0.015  8.093   1.00 30.21 ? 62   SER A C   1 
ATOM   441 O  O   . SER A 1 63 ? -4.802  0.023   7.781   1.00 30.25 ? 62   SER A O   1 
ATOM   442 C  CB  . SER A 1 63 ? -3.147  2.295   8.938   1.00 28.62 ? 62   SER A CB  1 
ATOM   443 O  OG  . SER A 1 63 ? -2.937  1.876   10.279  1.00 30.24 ? 62   SER A OG  1 
ATOM   444 N  N   . GLY A 1 64 ? -3.040  -1.100  8.597   1.00 30.19 ? 63   GLY A N   1 
ATOM   445 C  CA  . GLY A 1 64 ? -3.828  -2.265  8.977   1.00 28.91 ? 63   GLY A CA  1 
ATOM   446 C  C   . GLY A 1 64 ? -2.978  -3.474  9.267   1.00 28.15 ? 63   GLY A C   1 
ATOM   447 O  O   . GLY A 1 64 ? -1.752  -3.414  9.191   1.00 27.39 ? 63   GLY A O   1 
ATOM   448 N  N   . ARG A 1 65 ? -3.639  -4.578  9.601   1.00 28.98 ? 64   ARG A N   1 
ATOM   449 C  CA  . ARG A 1 65 ? -2.970  -5.860  9.786   1.00 32.12 ? 64   ARG A CA  1 
ATOM   450 C  C   . ARG A 1 65 ? -2.293  -6.239  8.481   1.00 33.36 ? 64   ARG A C   1 
ATOM   451 O  O   . ARG A 1 65 ? -2.721  -5.792  7.403   1.00 34.44 ? 64   ARG A O   1 
ATOM   452 C  CB  . ARG A 1 65 ? -3.984  -6.918  10.214  1.00 31.98 ? 64   ARG A CB  1 
ATOM   453 C  CG  . ARG A 1 65 ? -4.784  -6.506  11.476  1.00 37.75 ? 64   ARG A CG  1 
ATOM   454 C  CD  . ARG A 1 65 ? -6.162  -7.148  11.550  1.00 36.63 ? 64   ARG A CD  1 
ATOM   455 N  NE  . ARG A 1 65 ? -6.075  -8.603  11.520  1.00 35.97 ? 64   ARG A NE  1 
ATOM   456 C  CZ  . ARG A 1 65 ? -7.113  -9.421  11.379  1.00 40.65 ? 64   ARG A CZ  1 
ATOM   457 N  NH1 . ARG A 1 65 ? -8.343  -8.939  11.249  1.00 41.16 ? 64   ARG A NH1 1 
ATOM   458 N  NH2 . ARG A 1 65 ? -6.919  -10.734 11.360  1.00 41.46 ? 64   ARG A NH2 1 
ATOM   459 N  N   . VAL A 1 66 ? -1.187  -6.967  8.571   1.00 32.36 ? 65   VAL A N   1 
ATOM   460 C  CA  . VAL A 1 66 ? -0.625  -7.612  7.392   1.00 35.76 ? 65   VAL A CA  1 
ATOM   461 C  C   . VAL A 1 66 ? -0.451  -9.115  7.577   1.00 37.78 ? 65   VAL A C   1 
ATOM   462 O  O   . VAL A 1 66 ? -0.109  -9.591  8.670   1.00 35.19 ? 65   VAL A O   1 
ATOM   463 C  CB  . VAL A 1 66 ? 0.598   -6.858  6.720   1.00 38.52 ? 65   VAL A CB  1 
ATOM   464 C  CG1 . VAL A 1 66 ? 0.857   -5.488  7.346   1.00 41.08 ? 65   VAL A CG1 1 
ATOM   465 C  CG2 . VAL A 1 66 ? 1.845   -7.711  6.597   1.00 37.58 ? 65   VAL A CG2 1 
ATOM   466 N  N   . GLN A 1 67 ? -0.741  -9.837  6.492   1.00 36.42 ? 66   GLN A N   1 
ATOM   467 C  CA  . GLN A 1 67 ? -0.699  -11.301 6.417   1.00 39.60 ? 66   GLN A CA  1 
ATOM   468 C  C   . GLN A 1 67 ? 0.442   -11.782 5.528   1.00 39.05 ? 66   GLN A C   1 
ATOM   469 O  O   . GLN A 1 67 ? 0.605   -11.281 4.417   1.00 36.16 ? 66   GLN A O   1 
ATOM   470 C  CB  . GLN A 1 67 ? -1.999  -11.805 5.813   1.00 39.15 ? 66   GLN A CB  1 
ATOM   471 C  CG  . GLN A 1 67 ? -2.898  -12.532 6.768   1.00 44.66 ? 66   GLN A CG  1 
ATOM   472 C  CD  . GLN A 1 67 ? -3.563  -13.719 6.110   1.00 47.84 ? 66   GLN A CD  1 
ATOM   473 O  OE1 . GLN A 1 67 ? -4.764  -13.938 6.267   1.00 53.29 ? 66   GLN A OE1 1 
ATOM   474 N  NE2 . GLN A 1 67 ? -2.785  -14.495 5.361   1.00 49.83 ? 66   GLN A NE2 1 
ATOM   475 N  N   . ALA A 1 68 ? 1.208   -12.765 5.999   1.00 40.85 ? 67   ALA A N   1 
ATOM   476 C  CA  . ALA A 1 68 ? 2.344   -13.291 5.237   1.00 42.83 ? 67   ALA A CA  1 
ATOM   477 C  C   . ALA A 1 68 ? 2.033   -14.649 4.601   1.00 44.73 ? 67   ALA A C   1 
ATOM   478 O  O   . ALA A 1 68 ? 1.419   -15.499 5.249   1.00 46.82 ? 67   ALA A O   1 
ATOM   479 C  CB  . ALA A 1 68 ? 3.577   -13.389 6.114   1.00 41.27 ? 67   ALA A CB  1 
ATOM   480 N  N   . LYS A 1 69 ? 2.456   -14.833 3.342   1.00 45.66 ? 68   LYS A N   1 
ATOM   481 C  CA  . LYS A 1 69 ? 2.345   -16.122 2.606   1.00 47.50 ? 68   LYS A CA  1 
ATOM   482 C  C   . LYS A 1 69 ? 3.695   -16.587 2.044   1.00 45.72 ? 68   LYS A C   1 
ATOM   483 O  O   . LYS A 1 69 ? 4.394   -15.823 1.364   1.00 43.79 ? 68   LYS A O   1 
ATOM   484 C  CB  . LYS A 1 69 ? 1.314   -16.036 1.467   1.00 47.55 ? 68   LYS A CB  1 
ATOM   485 C  CG  . LYS A 1 69 ? -0.138  -16.147 1.920   1.00 50.28 ? 68   LYS A CG  1 
ATOM   486 C  CD  . LYS A 1 69 ? -1.014  -15.150 1.173   1.00 54.92 ? 68   LYS A CD  1 
ATOM   487 C  CE  . LYS A 1 69 ? -2.140  -14.641 2.062   1.00 56.49 ? 68   LYS A CE  1 
ATOM   488 N  NZ  . LYS A 1 69 ? -2.292  -13.154 1.995   1.00 58.25 ? 68   LYS A NZ  1 
ATOM   489 N  N   . ASN A 1 76 ? 5.212   -13.448 0.424   1.00 31.27 ? 75   ASN A N   1 
ATOM   490 C  CA  . ASN A 1 76 ? 4.244   -12.396 0.118   1.00 35.42 ? 75   ASN A CA  1 
ATOM   491 C  C   . ASN A 1 76 ? 3.535   -11.792 1.339   1.00 36.79 ? 75   ASN A C   1 
ATOM   492 O  O   . ASN A 1 76 ? 3.102   -12.514 2.234   1.00 37.06 ? 75   ASN A O   1 
ATOM   493 C  CB  . ASN A 1 76 ? 3.199   -12.889 -0.874  1.00 35.29 ? 75   ASN A CB  1 
ATOM   494 C  CG  . ASN A 1 76 ? 3.570   -12.581 -2.315  1.00 41.64 ? 75   ASN A CG  1 
ATOM   495 O  OD1 . ASN A 1 76 ? 2.989   -11.684 -2.938  1.00 46.05 ? 75   ASN A OD1 1 
ATOM   496 N  ND2 . ASN A 1 76 ? 4.545   -13.318 -2.856  1.00 34.48 ? 75   ASN A ND2 1 
ATOM   497 N  N   . TYR A 1 77 ? 3.391   -10.469 1.342   1.00 36.52 ? 76   TYR A N   1 
ATOM   498 C  CA  . TYR A 1 77 ? 2.762   -9.747  2.455   1.00 36.90 ? 76   TYR A CA  1 
ATOM   499 C  C   . TYR A 1 77 ? 1.619   -8.873  1.969   1.00 37.55 ? 76   TYR A C   1 
ATOM   500 O  O   . TYR A 1 77 ? 1.828   -7.982  1.150   1.00 39.79 ? 76   TYR A O   1 
ATOM   501 C  CB  . TYR A 1 77 ? 3.805   -8.901  3.194   1.00 34.81 ? 76   TYR A CB  1 
ATOM   502 C  CG  . TYR A 1 77 ? 4.969   -9.707  3.723   1.00 35.02 ? 76   TYR A CG  1 
ATOM   503 C  CD1 . TYR A 1 77 ? 6.123   -9.895  2.950   1.00 39.04 ? 76   TYR A CD1 1 
ATOM   504 C  CD2 . TYR A 1 77 ? 4.911   -10.312 4.981   1.00 32.51 ? 76   TYR A CD2 1 
ATOM   505 C  CE1 . TYR A 1 77 ? 7.194   -10.651 3.424   1.00 37.50 ? 76   TYR A CE1 1 
ATOM   506 C  CE2 . TYR A 1 77 ? 5.982   -11.074 5.467   1.00 38.22 ? 76   TYR A CE2 1 
ATOM   507 C  CZ  . TYR A 1 77 ? 7.114   -11.234 4.681   1.00 37.50 ? 76   TYR A CZ  1 
ATOM   508 O  OH  . TYR A 1 77 ? 8.165   -11.965 5.149   1.00 39.97 ? 76   TYR A OH  1 
ATOM   509 N  N   . ASN A 1 78 ? 0.411   -9.126  2.467   1.00 37.95 ? 77   ASN A N   1 
ATOM   510 C  CA  . ASN A 1 78 ? -0.749  -8.317  2.079   1.00 38.59 ? 77   ASN A CA  1 
ATOM   511 C  C   . ASN A 1 78 ? -1.445  -7.671  3.268   1.00 37.76 ? 77   ASN A C   1 
ATOM   512 O  O   . ASN A 1 78 ? -1.622  -8.315  4.298   1.00 38.47 ? 77   ASN A O   1 
ATOM   513 C  CB  . ASN A 1 78 ? -1.755  -9.160  1.288   1.00 38.45 ? 77   ASN A CB  1 
ATOM   514 C  CG  . ASN A 1 78 ? -1.172  -9.704  -0.017  1.00 42.92 ? 77   ASN A CG  1 
ATOM   515 O  OD1 . ASN A 1 78 ? -0.811  -8.946  -0.922  1.00 50.18 ? 77   ASN A OD1 1 
ATOM   516 N  ND2 . ASN A 1 78 ? -1.081  -11.027 -0.116  1.00 47.97 ? 77   ASN A ND2 1 
ATOM   517 N  N   . PHE A 1 79 ? -1.837  -6.404  3.121   1.00 36.39 ? 78   PHE A N   1 
ATOM   518 C  CA  . PHE A 1 79 ? -2.637  -5.717  4.135   1.00 35.62 ? 78   PHE A CA  1 
ATOM   519 C  C   . PHE A 1 79 ? -4.022  -6.344  4.181   1.00 37.40 ? 78   PHE A C   1 
ATOM   520 O  O   . PHE A 1 79 ? -4.545  -6.739  3.148   1.00 37.57 ? 78   PHE A O   1 
ATOM   521 C  CB  . PHE A 1 79 ? -2.725  -4.207  3.850   1.00 32.80 ? 78   PHE A CB  1 
ATOM   522 C  CG  . PHE A 1 79 ? -1.501  -3.433  4.285   1.00 32.79 ? 78   PHE A CG  1 
ATOM   523 C  CD1 . PHE A 1 79 ? -0.351  -3.412  3.491   1.00 29.32 ? 78   PHE A CD1 1 
ATOM   524 C  CD2 . PHE A 1 79 ? -1.496  -2.740  5.495   1.00 32.51 ? 78   PHE A CD2 1 
ATOM   525 C  CE1 . PHE A 1 79 ? 0.783   -2.719  3.892   1.00 30.07 ? 78   PHE A CE1 1 
ATOM   526 C  CE2 . PHE A 1 79 ? -0.368  -2.047  5.908   1.00 27.92 ? 78   PHE A CE2 1 
ATOM   527 C  CZ  . PHE A 1 79 ? 0.777   -2.023  5.092   1.00 30.87 ? 78   PHE A CZ  1 
ATOM   528 N  N   . VAL A 1 80 ? -4.607  -6.437  5.377   1.00 38.14 ? 79   VAL A N   1 
ATOM   529 C  CA  . VAL A 1 80 ? -5.951  -6.997  5.564   1.00 39.35 ? 79   VAL A CA  1 
ATOM   530 C  C   . VAL A 1 80 ? -6.880  -5.901  6.076   1.00 40.76 ? 79   VAL A C   1 
ATOM   531 O  O   . VAL A 1 80 ? -6.572  -5.263  7.087   1.00 43.18 ? 79   VAL A O   1 
ATOM   532 C  CB  . VAL A 1 80 ? -5.948  -8.186  6.582   1.00 38.72 ? 79   VAL A CB  1 
ATOM   533 C  CG1 . VAL A 1 80 ? -7.346  -8.787  6.730   1.00 37.65 ? 79   VAL A CG1 1 
ATOM   534 C  CG2 . VAL A 1 80 ? -4.934  -9.253  6.178   1.00 39.90 ? 79   VAL A CG2 1 
ATOM   535 N  N   . PHE A 1 81 ? -8.010  -5.699  5.393   1.00 41.99 ? 80   PHE A N   1 
ATOM   536 C  CA  . PHE A 1 81 ? -8.924  -4.569  5.646   1.00 43.83 ? 80   PHE A CA  1 
ATOM   537 C  C   . PHE A 1 81 ? -8.185  -3.227  5.894   1.00 43.12 ? 80   PHE A C   1 
ATOM   538 O  O   . PHE A 1 81 ? -8.479  -2.553  6.887   1.00 43.63 ? 80   PHE A O   1 
ATOM   539 C  CB  . PHE A 1 81 ? -9.844  -4.839  6.860   1.00 44.15 ? 80   PHE A CB  1 
ATOM   540 C  CG  . PHE A 1 81 ? -10.804 -6.000  6.698   1.00 49.86 ? 80   PHE A CG  1 
ATOM   541 C  CD1 . PHE A 1 81 ? -10.680 -7.136  7.511   1.00 51.15 ? 80   PHE A CD1 1 
ATOM   542 C  CD2 . PHE A 1 81 ? -11.861 -5.941  5.786   1.00 52.68 ? 80   PHE A CD2 1 
ATOM   543 C  CE1 . PHE A 1 81 ? -11.572 -8.211  7.398   1.00 51.70 ? 80   PHE A CE1 1 
ATOM   544 C  CE2 . PHE A 1 81 ? -12.759 -7.013  5.660   1.00 53.17 ? 80   PHE A CE2 1 
ATOM   545 C  CZ  . PHE A 1 81 ? -12.614 -8.148  6.469   1.00 52.52 ? 80   PHE A CZ  1 
ATOM   546 N  N   . PRO A 1 82 ? -7.231  -2.834  5.017   1.00 42.56 ? 81   PRO A N   1 
ATOM   547 C  CA  . PRO A 1 82 ? -6.499  -1.596  5.334   1.00 42.10 ? 81   PRO A CA  1 
ATOM   548 C  C   . PRO A 1 82 ? -7.373  -0.345  5.315   1.00 40.98 ? 81   PRO A C   1 
ATOM   549 O  O   . PRO A 1 82 ? -8.375  -0.300  4.599   1.00 42.48 ? 81   PRO A O   1 
ATOM   550 C  CB  . PRO A 1 82 ? -5.455  -1.504  4.216   1.00 42.28 ? 81   PRO A CB  1 
ATOM   551 C  CG  . PRO A 1 82 ? -6.060  -2.258  3.077   1.00 42.57 ? 81   PRO A CG  1 
ATOM   552 C  CD  . PRO A 1 82 ? -6.796  -3.402  3.727   1.00 43.03 ? 81   PRO A CD  1 
ATOM   553 N  N   . THR A 1 83 ? -7.011  0.637   6.135   1.00 37.92 ? 82   THR A N   1 
ATOM   554 C  CA  . THR A 1 83 ? -7.508  1.995   5.985   1.00 36.76 ? 82   THR A CA  1 
ATOM   555 C  C   . THR A 1 83 ? -6.487  2.697   5.107   1.00 35.06 ? 82   THR A C   1 
ATOM   556 O  O   . THR A 1 83 ? -5.276  2.573   5.316   1.00 35.43 ? 82   THR A O   1 
ATOM   557 C  CB  . THR A 1 83 ? -7.663  2.728   7.348   1.00 35.89 ? 82   THR A CB  1 
ATOM   558 O  OG1 . THR A 1 83 ? -8.668  2.080   8.132   1.00 39.86 ? 82   THR A OG1 1 
ATOM   559 C  CG2 . THR A 1 83 ? -8.114  4.159   7.145   1.00 44.63 ? 82   THR A CG2 1 
ATOM   560 N  N   . VAL A 1 84 ? -6.968  3.385   4.084   1.00 35.56 ? 83   VAL A N   1 
ATOM   561 C  CA  . VAL A 1 84 ? -6.098  4.196   3.236   1.00 36.08 ? 83   VAL A CA  1 
ATOM   562 C  C   . VAL A 1 84 ? -6.609  5.634   3.282   1.00 36.70 ? 83   VAL A C   1 
ATOM   563 O  O   . VAL A 1 84 ? -7.780  5.892   3.006   1.00 40.43 ? 83   VAL A O   1 
ATOM   564 C  CB  . VAL A 1 84 ? -5.991  3.662   1.760   1.00 36.31 ? 83   VAL A CB  1 
ATOM   565 C  CG1 . VAL A 1 84 ? -5.006  4.511   0.932   1.00 31.02 ? 83   VAL A CG1 1 
ATOM   566 C  CG2 . VAL A 1 84 ? -5.551  2.189   1.729   1.00 38.79 ? 83   VAL A CG2 1 
ATOM   567 N  N   . GLU A 1 85 ? -5.724  6.557   3.651   1.00 36.52 ? 84   GLU A N   1 
ATOM   568 C  CA  . GLU A 1 85 ? -6.061  7.975   3.748   1.00 36.10 ? 84   GLU A CA  1 
ATOM   569 C  C   . GLU A 1 85 ? -5.143  8.768   2.848   1.00 35.70 ? 84   GLU A C   1 
ATOM   570 O  O   . GLU A 1 85 ? -3.938  8.516   2.804   1.00 35.73 ? 84   GLU A O   1 
ATOM   571 C  CB  . GLU A 1 85 ? -5.925  8.483   5.191   1.00 35.63 ? 84   GLU A CB  1 
ATOM   572 C  CG  . GLU A 1 85 ? -7.007  7.963   6.138   1.00 41.57 ? 84   GLU A CG  1 
ATOM   573 C  CD  . GLU A 1 85 ? -6.766  8.330   7.598   1.00 48.55 ? 84   GLU A CD  1 
ATOM   574 O  OE1 . GLU A 1 85 ? -5.765  7.856   8.175   1.00 49.96 ? 84   GLU A OE1 1 
ATOM   575 O  OE2 . GLU A 1 85 ? -7.590  9.076   8.172   1.00 49.59 ? 84   GLU A OE2 1 
ATOM   576 N  N   . LYS A 1 86 ? -5.720  9.721   2.124   1.00 33.68 ? 85   LYS A N   1 
ATOM   577 C  CA  . LYS A 1 86 ? -4.937  10.699  1.383   1.00 33.10 ? 85   LYS A CA  1 
ATOM   578 C  C   . LYS A 1 86 ? -4.339  11.714  2.375   1.00 32.68 ? 85   LYS A C   1 
ATOM   579 O  O   . LYS A 1 86 ? -5.047  12.206  3.238   1.00 31.13 ? 85   LYS A O   1 
ATOM   580 C  CB  . LYS A 1 86 ? -5.821  11.429  0.363   1.00 30.82 ? 85   LYS A CB  1 
ATOM   581 C  CG  . LYS A 1 86 ? -5.053  12.343  -0.574  1.00 31.79 ? 85   LYS A CG  1 
ATOM   582 C  CD  . LYS A 1 86 ? -5.929  12.829  -1.721  1.00 35.33 ? 85   LYS A CD  1 
ATOM   583 C  CE  . LYS A 1 86 ? -5.186  13.853  -2.577  1.00 33.03 ? 85   LYS A CE  1 
ATOM   584 N  NZ  . LYS A 1 86 ? -6.051  14.407  -3.662  1.00 37.03 ? 85   LYS A NZ  1 
ATOM   585 N  N   . VAL A 1 87 ? -3.049  12.019  2.221   1.00 32.56 ? 86   VAL A N   1 
ATOM   586 C  CA  . VAL A 1 87 ? -2.340  13.009  3.050   1.00 33.54 ? 86   VAL A CA  1 
ATOM   587 C  C   . VAL A 1 87 ? -2.143  14.300  2.267   1.00 34.69 ? 86   VAL A C   1 
ATOM   588 O  O   . VAL A 1 87 ? -1.761  14.268  1.093   1.00 37.13 ? 86   VAL A O   1 
ATOM   589 C  CB  . VAL A 1 87 ? -0.949  12.479  3.491   1.00 32.78 ? 86   VAL A CB  1 
ATOM   590 C  CG1 . VAL A 1 87 ? -0.188  13.536  4.338   1.00 32.72 ? 86   VAL A CG1 1 
ATOM   591 C  CG2 . VAL A 1 87 ? -1.090  11.185  4.260   1.00 31.93 ? 86   VAL A CG2 1 
ATOM   592 N  N   . PHE A 1 88 ? -2.387  15.439  2.908   1.00 36.98 ? 87   PHE A N   1 
ATOM   593 C  CA  . PHE A 1 88 ? -2.261  16.736  2.230   1.00 39.61 ? 87   PHE A CA  1 
ATOM   594 C  C   . PHE A 1 88 ? -1.054  17.546  2.690   1.00 42.54 ? 87   PHE A C   1 
ATOM   595 O  O   . PHE A 1 88 ? -0.746  17.584  3.880   1.00 43.69 ? 87   PHE A O   1 
ATOM   596 C  CB  . PHE A 1 88 ? -3.547  17.549  2.380   1.00 38.76 ? 87   PHE A CB  1 
ATOM   597 C  CG  . PHE A 1 88 ? -4.733  16.896  1.749   1.00 37.59 ? 87   PHE A CG  1 
ATOM   598 C  CD1 . PHE A 1 88 ? -5.100  17.214  0.442   1.00 33.14 ? 87   PHE A CD1 1 
ATOM   599 C  CD2 . PHE A 1 88 ? -5.473  15.936  2.447   1.00 37.31 ? 87   PHE A CD2 1 
ATOM   600 C  CE1 . PHE A 1 88 ? -6.194  16.588  -0.162  1.00 34.47 ? 87   PHE A CE1 1 
ATOM   601 C  CE2 . PHE A 1 88 ? -6.572  15.299  1.846   1.00 34.99 ? 87   PHE A CE2 1 
ATOM   602 C  CZ  . PHE A 1 88 ? -6.932  15.633  0.537   1.00 33.25 ? 87   PHE A CZ  1 
ATOM   603 N  N   . ILE A 1 89 ? -0.391  18.193  1.730   1.00 46.51 ? 88   ILE A N   1 
ATOM   604 C  CA  . ILE A 1 89 ? 0.767   19.064  1.984   1.00 48.63 ? 88   ILE A CA  1 
ATOM   605 C  C   . ILE A 1 89 ? 0.481   20.498  1.548   1.00 47.71 ? 88   ILE A C   1 
ATOM   606 O  O   . ILE A 1 89 ? -0.363  21.177  2.132   1.00 49.97 ? 88   ILE A O   1 
ATOM   607 C  CB  . ILE A 1 89 ? 2.045   18.564  1.255   1.00 48.48 ? 88   ILE A CB  1 
ATOM   608 C  CG1 . ILE A 1 89 ? 2.542   17.230  1.843   1.00 52.10 ? 88   ILE A CG1 1 
ATOM   609 C  CG2 . ILE A 1 89 ? 3.143   19.618  1.321   1.00 49.87 ? 88   ILE A CG2 1 
ATOM   610 C  CD1 . ILE A 1 89 ? 1.941   15.959  1.198   1.00 49.96 ? 88   ILE A CD1 1 
HETATM 611 O  O   . HOH B 2 .  ? -2.763  -9.978  19.756  1.00 50.35 ? 2001 HOH A O   1 
HETATM 612 O  O   . HOH B 2 .  ? 7.919   4.224   -0.181  1.00 46.33 ? 2002 HOH A O   1 
HETATM 613 O  O   . HOH B 2 .  ? 1.045   1.361   13.108  0.50 33.92 ? 2003 HOH A O   1 
HETATM 614 O  O   . HOH B 2 .  ? 3.479   6.264   8.767   1.00 41.46 ? 2004 HOH A O   1 
HETATM 615 O  O   . HOH B 2 .  ? 6.937   6.816   -1.181  1.00 53.41 ? 2005 HOH A O   1 
HETATM 616 O  O   . HOH B 2 .  ? 0.174   0.658   -14.046 0.50 12.86 ? 2006 HOH A O   1 
HETATM 617 O  O   . HOH B 2 .  ? -0.732  2.558   -11.462 1.00 32.18 ? 2007 HOH A O   1 
HETATM 618 O  O   . HOH B 2 .  ? -5.410  3.589   -11.854 1.00 31.77 ? 2008 HOH A O   1 
HETATM 619 O  O   . HOH B 2 .  ? -12.720 -0.220  -9.998  1.00 43.45 ? 2009 HOH A O   1 
HETATM 620 O  O   . HOH B 2 .  ? -10.242 -3.834  -15.265 1.00 34.27 ? 2010 HOH A O   1 
HETATM 621 O  O   . HOH B 2 .  ? -7.644  2.148   -7.080  1.00 35.47 ? 2011 HOH A O   1 
HETATM 622 O  O   . HOH B 2 .  ? -10.162 -0.344  -3.807  1.00 39.68 ? 2012 HOH A O   1 
HETATM 623 O  O   . HOH B 2 .  ? -12.943 3.043   -3.847  1.00 30.83 ? 2013 HOH A O   1 
HETATM 624 O  O   . HOH B 2 .  ? -9.750  1.976   -8.775  1.00 44.33 ? 2014 HOH A O   1 
HETATM 625 O  O   . HOH B 2 .  ? -13.147 6.395   -4.231  1.00 39.79 ? 2015 HOH A O   1 
HETATM 626 O  O   . HOH B 2 .  ? -7.330  4.783   -7.802  1.00 38.53 ? 2016 HOH A O   1 
HETATM 627 O  O   . HOH B 2 .  ? -1.577  13.258  -7.666  1.00 28.86 ? 2017 HOH A O   1 
HETATM 628 O  O   . HOH B 2 .  ? -4.477  14.767  -5.864  0.50 39.77 ? 2018 HOH A O   1 
HETATM 629 O  O   . HOH B 2 .  ? -6.697  11.874  -5.164  1.00 30.89 ? 2019 HOH A O   1 
HETATM 630 O  O   . HOH B 2 .  ? 1.994   13.759  -2.812  1.00 47.91 ? 2020 HOH A O   1 
HETATM 631 O  O   . HOH B 2 .  ? -4.725  5.035   7.038   1.00 32.90 ? 2021 HOH A O   1 
HETATM 632 O  O   . HOH B 2 .  ? -5.157  1.077   11.336  1.00 47.19 ? 2022 HOH A O   1 
HETATM 633 O  O   . HOH B 2 .  ? -6.303  -4.125  9.586   1.00 35.77 ? 2023 HOH A O   1 
HETATM 634 O  O   . HOH B 2 .  ? -8.533  14.529  -2.785  1.00 34.61 ? 2024 HOH A O   1 
HETATM 635 O  O   . HOH B 2 .  ? -1.604  13.500  -1.572  1.00 29.01 ? 2025 HOH A O   1 
HETATM 636 O  O   . HOH B 2 .  ? -3.016  15.284  5.541   1.00 37.74 ? 2026 HOH A O   1 
# 
